data_8IVI
#
_entry.id   8IVI
#
_cell.length_a   66.230
_cell.length_b   105.000
_cell.length_c   135.510
_cell.angle_alpha   90.00
_cell.angle_beta   90.00
_cell.angle_gamma   90.00
#
_symmetry.space_group_name_H-M   'P 21 21 21'
#
_entity_poly.entity_id   1
_entity_poly.type   'polypeptide(L)'
_entity_poly.pdbx_seq_one_letter_code
;MGSSHHHHHHSSGLVPRGSHMSTAGDDAVGVPPACGGRSDAVGVPQLARESGAMRDQDCSGELLRSPTHNGHLLVGALKR
HQNKPVLFLGDTRLTGGQLADRISQYIQAFEALGAGTGVAVGLLSLNRPEVLMIIGAGQARGYRRTALHPLGSLADHAYV
LNDAGISSLIIDPNPMFVERALALLEQVDSLQQILTIGPVPDALKHVAVDLSAEAAKYQPQPLVAADLPPDQVIGLTYTG
GTTGKPKGVIGTAQSIATMTSIQLAEWEWPANPRFLMCTPLSHAGAAFFTPTVIKGGEMIVLAKFDPAEVLRIIEEQRIT
ATMLVPSMLYALLDHPDSHTRDLSSLETVYYGASAINPVRLAEAIRRFGPIFAQYYGQSEAPMVITYLAKGDHDEKRLTS
CGRPTLFARVALLDEHGKPVKQGEVGEICVSGPLLAGGYWNLPDETSRTFKDGWLHTGDLAREDSDGFYYIVDRVKDMIV
TGGFNVFPREVEDVVAEHPAVAQVCVVGAPDEKWGEAVTAVVVLRSNAARDEPAIEAMTAEIQAAVKQRKGSVQAPKRVV
VVDSLPLTGLGKPDKKAVRARFWEGAGRAVG
;
_entity_poly.pdbx_strand_id   A,B
#
# COMPACT_ATOMS: atom_id res chain seq x y z
N ARG A 65 12.20 -11.95 5.91
CA ARG A 65 12.00 -11.21 4.66
C ARG A 65 10.88 -11.81 3.81
N SER A 66 10.28 -12.90 4.30
CA SER A 66 9.21 -13.55 3.55
C SER A 66 7.98 -12.67 3.46
N PRO A 67 7.47 -12.49 2.24
CA PRO A 67 6.31 -11.61 2.06
C PRO A 67 5.02 -12.19 2.62
N THR A 68 4.15 -11.34 3.13
CA THR A 68 2.87 -11.80 3.64
C THR A 68 1.88 -11.82 2.48
N HIS A 69 0.97 -12.80 2.49
CA HIS A 69 0.00 -12.91 1.42
C HIS A 69 -1.37 -12.40 1.82
N ASN A 70 -2.32 -12.43 0.90
CA ASN A 70 -3.66 -11.91 1.18
C ASN A 70 -4.34 -12.54 2.37
N GLY A 71 -4.13 -13.84 2.55
CA GLY A 71 -4.71 -14.52 3.69
C GLY A 71 -4.24 -13.94 4.99
N HIS A 72 -2.95 -13.69 5.13
CA HIS A 72 -2.41 -13.07 6.34
C HIS A 72 -3.17 -11.80 6.65
N LEU A 73 -3.30 -10.92 5.65
CA LEU A 73 -3.99 -9.66 5.85
C LEU A 73 -5.44 -9.85 6.25
N LEU A 74 -6.14 -10.75 5.57
CA LEU A 74 -7.57 -10.97 5.84
C LEU A 74 -7.82 -11.56 7.22
N VAL A 75 -7.11 -12.64 7.55
CA VAL A 75 -7.26 -13.27 8.85
C VAL A 75 -7.00 -12.24 9.94
N GLY A 76 -5.90 -11.52 9.81
CA GLY A 76 -5.58 -10.50 10.80
C GLY A 76 -6.62 -9.42 10.94
N ALA A 77 -7.21 -8.99 9.83
CA ALA A 77 -8.24 -7.95 9.88
C ALA A 77 -9.50 -8.44 10.55
N LEU A 78 -9.86 -9.70 10.33
CA LEU A 78 -11.03 -10.26 10.99
C LEU A 78 -10.78 -10.37 12.49
N LYS A 79 -9.55 -10.68 12.87
CA LYS A 79 -9.20 -10.76 14.28
C LYS A 79 -9.22 -9.36 14.86
N ARG A 80 -8.65 -8.40 14.14
CA ARG A 80 -8.63 -7.02 14.61
C ARG A 80 -10.04 -6.55 14.92
N HIS A 81 -10.98 -6.90 14.04
CA HIS A 81 -12.35 -6.46 14.23
C HIS A 81 -13.24 -7.62 14.61
N GLN A 82 -12.86 -8.34 15.65
CA GLN A 82 -13.61 -9.51 16.09
C GLN A 82 -15.04 -9.23 16.50
N ASN A 83 -15.30 -8.06 17.07
CA ASN A 83 -16.64 -7.74 17.54
C ASN A 83 -17.34 -6.77 16.60
N LYS A 84 -16.59 -6.26 15.64
CA LYS A 84 -17.15 -5.31 14.69
C LYS A 84 -17.77 -6.04 13.52
N PRO A 85 -19.06 -5.79 13.24
CA PRO A 85 -19.71 -6.42 12.08
C PRO A 85 -19.00 -6.09 10.79
N VAL A 86 -18.61 -7.11 10.03
CA VAL A 86 -17.90 -6.89 8.80
C VAL A 86 -18.72 -7.31 7.59
N LEU A 87 -19.78 -8.08 7.83
CA LEU A 87 -20.57 -8.60 6.72
C LEU A 87 -22.05 -8.51 6.96
N PHE A 88 -22.79 -8.05 5.95
CA PHE A 88 -24.24 -7.97 6.06
C PHE A 88 -24.78 -8.62 4.82
N LEU A 89 -25.63 -9.61 4.96
CA LEU A 89 -26.13 -10.34 3.81
C LEU A 89 -27.60 -10.66 3.99
N GLY A 90 -28.46 -9.67 3.80
CA GLY A 90 -29.88 -9.88 3.98
C GLY A 90 -30.22 -10.05 5.44
N ASP A 91 -30.31 -11.30 5.88
CA ASP A 91 -30.59 -11.58 7.27
C ASP A 91 -29.38 -12.16 7.98
N THR A 92 -28.21 -12.03 7.36
CA THR A 92 -27.01 -12.62 7.94
C THR A 92 -25.95 -11.62 8.29
N ARG A 93 -25.92 -11.19 9.55
CA ARG A 93 -24.87 -10.27 9.99
C ARG A 93 -23.75 -11.06 10.62
N LEU A 94 -22.55 -10.93 10.06
CA LEU A 94 -21.41 -11.62 10.62
C LEU A 94 -20.41 -10.62 11.12
N THR A 95 -19.85 -10.84 12.30
CA THR A 95 -18.79 -9.97 12.77
C THR A 95 -17.49 -10.57 12.31
N GLY A 96 -16.38 -9.90 12.59
CA GLY A 96 -15.09 -10.43 12.19
C GLY A 96 -14.86 -11.80 12.76
N GLY A 97 -15.09 -11.94 14.07
CA GLY A 97 -14.90 -13.23 14.72
C GLY A 97 -15.87 -14.29 14.23
N GLN A 98 -17.12 -13.91 14.04
CA GLN A 98 -18.10 -14.86 13.51
C GLN A 98 -17.66 -15.39 12.18
N LEU A 99 -17.27 -14.50 11.28
CA LEU A 99 -16.81 -14.92 9.97
C LEU A 99 -15.58 -15.80 10.07
N ALA A 100 -14.62 -15.40 10.90
CA ALA A 100 -13.40 -16.18 11.08
C ALA A 100 -13.70 -17.59 11.55
N ASP A 101 -14.63 -17.73 12.48
CA ASP A 101 -14.98 -19.05 12.99
C ASP A 101 -15.59 -19.90 11.90
N ARG A 102 -16.45 -19.32 11.10
CA ARG A 102 -17.07 -20.06 10.02
C ARG A 102 -16.05 -20.43 8.96
N ILE A 103 -15.10 -19.55 8.70
CA ILE A 103 -14.05 -19.85 7.73
C ILE A 103 -13.23 -21.02 8.24
N SER A 104 -12.91 -21.04 9.53
CA SER A 104 -12.15 -22.14 10.11
C SER A 104 -12.90 -23.45 9.95
N GLN A 105 -14.21 -23.41 10.17
CA GLN A 105 -15.01 -24.61 10.04
C GLN A 105 -15.03 -25.08 8.59
N TYR A 106 -15.10 -24.14 7.67
CA TYR A 106 -15.10 -24.49 6.26
C TYR A 106 -13.78 -25.14 5.90
N ILE A 107 -12.67 -24.58 6.36
CA ILE A 107 -11.36 -25.18 6.11
C ILE A 107 -11.37 -26.64 6.54
N GLN A 108 -11.79 -26.90 7.78
CA GLN A 108 -11.83 -28.27 8.27
C GLN A 108 -12.64 -29.16 7.34
N ALA A 109 -13.83 -28.71 6.96
CA ALA A 109 -14.65 -29.48 6.03
C ALA A 109 -13.94 -29.74 4.71
N PHE A 110 -13.38 -28.70 4.10
CA PHE A 110 -12.69 -28.84 2.82
C PHE A 110 -11.64 -29.93 2.85
N GLU A 111 -10.75 -29.87 3.84
CA GLU A 111 -9.68 -30.86 3.92
C GLU A 111 -10.21 -32.27 4.10
N ALA A 112 -11.27 -32.42 4.87
CA ALA A 112 -11.86 -33.73 5.09
C ALA A 112 -12.62 -34.24 3.88
N LEU A 113 -13.12 -33.34 3.04
CA LEU A 113 -13.88 -33.73 1.86
C LEU A 113 -12.98 -34.01 0.68
N GLY A 114 -11.69 -33.73 0.82
CA GLY A 114 -10.77 -33.91 -0.29
C GLY A 114 -10.92 -32.76 -1.24
N ALA A 115 -11.09 -31.56 -0.68
CA ALA A 115 -11.24 -30.36 -1.50
C ALA A 115 -10.41 -29.28 -0.85
N GLY A 116 -9.37 -29.70 -0.12
CA GLY A 116 -8.54 -28.75 0.58
C GLY A 116 -7.19 -28.48 -0.04
N THR A 117 -6.14 -28.66 0.74
CA THR A 117 -4.80 -28.36 0.25
C THR A 117 -4.33 -29.33 -0.82
N GLY A 118 -3.90 -28.79 -1.96
CA GLY A 118 -3.43 -29.62 -3.04
C GLY A 118 -4.52 -29.94 -4.02
N VAL A 119 -5.75 -29.54 -3.70
CA VAL A 119 -6.88 -29.85 -4.56
C VAL A 119 -7.36 -28.62 -5.31
N ALA A 120 -7.58 -28.75 -6.61
CA ALA A 120 -8.12 -27.64 -7.38
C ALA A 120 -9.63 -27.68 -7.26
N VAL A 121 -10.22 -26.62 -6.72
CA VAL A 121 -11.65 -26.59 -6.49
C VAL A 121 -12.31 -25.49 -7.31
N GLY A 122 -13.51 -25.75 -7.83
CA GLY A 122 -14.20 -24.78 -8.65
C GLY A 122 -15.33 -24.11 -7.89
N LEU A 123 -15.81 -22.99 -8.41
CA LEU A 123 -16.88 -22.26 -7.74
C LEU A 123 -17.92 -21.71 -8.71
N LEU A 124 -19.13 -22.25 -8.67
CA LEU A 124 -20.20 -21.75 -9.51
C LEU A 124 -21.32 -21.32 -8.59
N SER A 125 -21.28 -20.08 -8.13
CA SER A 125 -22.28 -19.64 -7.16
C SER A 125 -22.71 -18.20 -7.32
N LEU A 126 -23.88 -17.87 -6.77
CA LEU A 126 -24.35 -16.49 -6.80
C LEU A 126 -24.07 -15.87 -5.45
N ASN A 127 -24.45 -14.62 -5.26
CA ASN A 127 -24.13 -13.95 -4.00
C ASN A 127 -24.79 -14.57 -2.78
N ARG A 128 -24.00 -15.18 -1.92
CA ARG A 128 -24.53 -15.84 -0.73
C ARG A 128 -23.60 -15.52 0.42
N PRO A 129 -24.08 -15.68 1.67
CA PRO A 129 -23.17 -15.46 2.81
C PRO A 129 -22.02 -16.44 2.78
N GLU A 130 -22.27 -17.67 2.38
CA GLU A 130 -21.24 -18.70 2.38
C GLU A 130 -20.14 -18.52 1.37
N VAL A 131 -20.40 -17.75 0.31
CA VAL A 131 -19.40 -17.54 -0.73
C VAL A 131 -18.15 -16.89 -0.14
N LEU A 132 -18.32 -15.85 0.68
CA LEU A 132 -17.18 -15.21 1.30
C LEU A 132 -16.46 -16.11 2.30
N MET A 133 -17.16 -17.06 2.90
CA MET A 133 -16.50 -18.01 3.79
C MET A 133 -15.62 -18.94 2.97
N ILE A 134 -16.12 -19.40 1.82
CA ILE A 134 -15.34 -20.24 0.94
C ILE A 134 -14.13 -19.45 0.43
N ILE A 135 -14.36 -18.21 0.02
CA ILE A 135 -13.27 -17.37 -0.46
C ILE A 135 -12.23 -17.19 0.63
N GLY A 136 -12.67 -16.91 1.84
CA GLY A 136 -11.75 -16.72 2.95
C GLY A 136 -10.93 -17.96 3.26
N ALA A 137 -11.53 -19.13 3.14
CA ALA A 137 -10.80 -20.36 3.35
C ALA A 137 -9.69 -20.48 2.33
N GLY A 138 -10.04 -20.27 1.06
CA GLY A 138 -9.05 -20.34 -0.01
C GLY A 138 -7.99 -19.26 0.08
N GLN A 139 -8.34 -18.12 0.66
CA GLN A 139 -7.38 -17.04 0.82
C GLN A 139 -6.38 -17.44 1.89
N ALA A 140 -6.89 -17.87 3.03
CA ALA A 140 -6.01 -18.22 4.14
C ALA A 140 -5.06 -19.36 3.83
N ARG A 141 -5.59 -20.49 3.36
CA ARG A 141 -4.73 -21.65 3.16
C ARG A 141 -4.20 -21.82 1.74
N GLY A 142 -4.50 -20.88 0.85
CA GLY A 142 -3.97 -20.95 -0.50
C GLY A 142 -4.54 -22.04 -1.37
N TYR A 143 -5.85 -22.24 -1.29
CA TYR A 143 -6.49 -23.24 -2.12
C TYR A 143 -6.57 -22.70 -3.54
N ARG A 144 -6.15 -23.48 -4.53
CA ARG A 144 -6.28 -23.04 -5.91
C ARG A 144 -7.74 -23.09 -6.33
N ARG A 145 -8.34 -21.92 -6.47
CA ARG A 145 -9.74 -21.87 -6.85
C ARG A 145 -9.95 -21.30 -8.23
N THR A 146 -10.98 -21.77 -8.92
CA THR A 146 -11.29 -21.25 -10.24
C THR A 146 -12.77 -20.93 -10.29
N ALA A 147 -13.10 -19.65 -10.47
CA ALA A 147 -14.49 -19.24 -10.47
C ALA A 147 -15.16 -19.43 -11.82
N LEU A 148 -16.24 -20.20 -11.84
CA LEU A 148 -16.98 -20.39 -13.07
C LEU A 148 -18.01 -19.28 -13.20
N HIS A 149 -18.18 -18.77 -14.41
CA HIS A 149 -19.13 -17.69 -14.62
C HIS A 149 -20.55 -18.22 -14.67
N PRO A 150 -21.46 -17.62 -13.89
CA PRO A 150 -22.85 -18.06 -13.85
C PRO A 150 -23.51 -18.23 -15.22
N LEU A 151 -23.30 -17.28 -16.12
CA LEU A 151 -23.93 -17.35 -17.44
C LEU A 151 -22.97 -17.82 -18.51
N GLY A 152 -22.03 -18.69 -18.14
CA GLY A 152 -21.08 -19.22 -19.11
C GLY A 152 -21.63 -20.44 -19.82
N SER A 153 -20.97 -20.84 -20.89
CA SER A 153 -21.43 -21.99 -21.66
C SER A 153 -20.91 -23.29 -21.08
N LEU A 154 -21.60 -24.38 -21.36
CA LEU A 154 -21.18 -25.69 -20.87
C LEU A 154 -19.82 -26.06 -21.44
N ALA A 155 -19.64 -25.84 -22.73
CA ALA A 155 -18.36 -26.15 -23.36
C ALA A 155 -17.22 -25.40 -22.71
N ASP A 156 -17.42 -24.11 -22.46
CA ASP A 156 -16.38 -23.32 -21.83
C ASP A 156 -16.13 -23.77 -20.41
N HIS A 157 -17.19 -24.04 -19.66
CA HIS A 157 -17.05 -24.53 -18.29
C HIS A 157 -16.25 -25.82 -18.29
N ALA A 158 -16.56 -26.72 -19.23
CA ALA A 158 -15.85 -27.99 -19.32
C ALA A 158 -14.38 -27.77 -19.59
N TYR A 159 -14.08 -26.94 -20.58
CA TYR A 159 -12.68 -26.64 -20.90
C TYR A 159 -11.98 -26.13 -19.66
N VAL A 160 -12.54 -25.11 -19.03
CA VAL A 160 -11.92 -24.52 -17.85
C VAL A 160 -11.63 -25.57 -16.79
N LEU A 161 -12.63 -26.37 -16.44
CA LEU A 161 -12.44 -27.36 -15.38
C LEU A 161 -11.40 -28.41 -15.75
N ASN A 162 -11.46 -28.91 -16.98
CA ASN A 162 -10.49 -29.91 -17.43
C ASN A 162 -9.09 -29.34 -17.46
N ASP A 163 -8.95 -28.11 -17.94
CA ASP A 163 -7.64 -27.48 -18.01
C ASP A 163 -7.06 -27.29 -16.63
N ALA A 164 -7.89 -26.87 -15.68
CA ALA A 164 -7.40 -26.61 -14.32
C ALA A 164 -7.28 -27.88 -13.49
N GLY A 165 -7.79 -28.99 -14.00
CA GLY A 165 -7.76 -30.24 -13.24
C GLY A 165 -8.64 -30.14 -12.02
N ILE A 166 -9.84 -29.59 -12.18
CA ILE A 166 -10.73 -29.40 -11.05
C ILE A 166 -11.36 -30.71 -10.59
N SER A 167 -11.18 -31.05 -9.33
CA SER A 167 -11.71 -32.30 -8.80
C SER A 167 -13.04 -32.15 -8.08
N SER A 168 -13.27 -30.98 -7.49
CA SER A 168 -14.53 -30.74 -6.78
C SER A 168 -15.17 -29.45 -7.24
N LEU A 169 -16.49 -29.45 -7.39
CA LEU A 169 -17.17 -28.25 -7.84
C LEU A 169 -18.16 -27.75 -6.81
N ILE A 170 -17.87 -26.60 -6.22
CA ILE A 170 -18.79 -26.01 -5.27
C ILE A 170 -19.86 -25.24 -6.04
N ILE A 171 -21.10 -25.69 -5.95
CA ILE A 171 -22.18 -25.01 -6.64
C ILE A 171 -23.27 -24.47 -5.75
N ASP A 172 -23.97 -23.44 -6.22
CA ASP A 172 -25.11 -22.92 -5.49
C ASP A 172 -26.17 -23.89 -5.96
N PRO A 173 -26.89 -24.53 -5.03
CA PRO A 173 -27.85 -25.57 -5.43
C PRO A 173 -29.15 -25.11 -6.11
N ASN A 174 -29.09 -24.16 -7.03
CA ASN A 174 -30.28 -23.77 -7.78
C ASN A 174 -30.38 -24.65 -9.00
N PRO A 175 -31.60 -24.94 -9.48
CA PRO A 175 -31.81 -25.79 -10.65
C PRO A 175 -30.81 -25.63 -11.80
N MET A 176 -30.54 -24.39 -12.22
CA MET A 176 -29.61 -24.15 -13.30
C MET A 176 -28.24 -24.73 -13.02
N PHE A 177 -27.69 -24.44 -11.86
CA PHE A 177 -26.33 -24.91 -11.54
C PHE A 177 -26.33 -26.40 -11.23
N VAL A 178 -27.46 -26.94 -10.80
CA VAL A 178 -27.56 -28.38 -10.57
C VAL A 178 -27.43 -29.08 -11.90
N GLU A 179 -28.16 -28.60 -12.90
CA GLU A 179 -28.09 -29.17 -14.24
C GLU A 179 -26.66 -29.05 -14.76
N ARG A 180 -26.04 -27.90 -14.56
CA ARG A 180 -24.69 -27.69 -15.05
C ARG A 180 -23.74 -28.67 -14.40
N ALA A 181 -23.83 -28.82 -13.08
CA ALA A 181 -22.96 -29.75 -12.37
C ALA A 181 -23.07 -31.15 -12.92
N LEU A 182 -24.30 -31.63 -13.12
CA LEU A 182 -24.51 -32.96 -13.68
C LEU A 182 -23.86 -33.11 -15.04
N ALA A 183 -24.10 -32.15 -15.92
CA ALA A 183 -23.51 -32.19 -17.25
C ALA A 183 -21.99 -32.15 -17.18
N LEU A 184 -21.44 -31.32 -16.30
CA LEU A 184 -20.01 -31.21 -16.17
C LEU A 184 -19.39 -32.49 -15.64
N LEU A 185 -20.09 -33.20 -14.76
CA LEU A 185 -19.58 -34.48 -14.28
C LEU A 185 -19.30 -35.42 -15.44
N GLU A 186 -20.16 -35.42 -16.44
CA GLU A 186 -19.92 -36.26 -17.62
C GLU A 186 -18.71 -35.79 -18.42
N GLN A 187 -18.68 -34.52 -18.81
CA GLN A 187 -17.58 -34.03 -19.63
C GLN A 187 -16.24 -33.98 -18.90
N VAL A 188 -16.20 -33.31 -17.77
CA VAL A 188 -14.96 -33.20 -17.00
C VAL A 188 -14.66 -34.50 -16.31
N ASP A 189 -13.57 -35.15 -16.70
CA ASP A 189 -13.22 -36.43 -16.13
C ASP A 189 -12.56 -36.28 -14.78
N SER A 190 -11.92 -35.14 -14.55
CA SER A 190 -11.28 -34.90 -13.26
C SER A 190 -12.32 -34.59 -12.19
N LEU A 191 -13.50 -34.12 -12.60
CA LEU A 191 -14.56 -33.83 -11.64
C LEU A 191 -15.04 -35.09 -10.95
N GLN A 192 -14.84 -35.18 -9.65
CA GLN A 192 -15.25 -36.35 -8.90
C GLN A 192 -16.46 -36.06 -8.04
N GLN A 193 -16.36 -35.06 -7.19
CA GLN A 193 -17.45 -34.73 -6.28
C GLN A 193 -18.02 -33.35 -6.49
N ILE A 194 -19.23 -33.13 -5.99
CA ILE A 194 -19.85 -31.84 -6.09
C ILE A 194 -20.07 -31.38 -4.66
N LEU A 195 -19.75 -30.13 -4.36
CA LEU A 195 -20.00 -29.60 -3.03
C LEU A 195 -21.17 -28.64 -3.09
N THR A 196 -22.23 -28.93 -2.35
CA THR A 196 -23.38 -28.06 -2.38
C THR A 196 -23.41 -27.19 -1.15
N ILE A 197 -23.48 -25.88 -1.32
CA ILE A 197 -23.62 -25.01 -0.16
C ILE A 197 -25.08 -24.90 0.17
N GLY A 198 -25.60 -25.88 0.90
CA GLY A 198 -27.01 -25.91 1.19
C GLY A 198 -27.43 -27.34 0.95
N PRO A 199 -28.58 -27.74 1.50
CA PRO A 199 -29.05 -29.14 1.37
C PRO A 199 -28.93 -29.73 -0.02
N VAL A 200 -28.31 -30.90 -0.12
CA VAL A 200 -28.15 -31.58 -1.41
C VAL A 200 -29.45 -31.81 -2.14
N PRO A 201 -29.54 -31.35 -3.40
CA PRO A 201 -30.75 -31.64 -4.18
C PRO A 201 -30.81 -33.13 -4.52
N ASP A 202 -32.00 -33.65 -4.76
CA ASP A 202 -32.13 -35.07 -5.03
C ASP A 202 -31.60 -35.51 -6.38
N ALA A 203 -31.39 -34.57 -7.29
CA ALA A 203 -30.81 -34.90 -8.58
C ALA A 203 -29.32 -35.12 -8.41
N LEU A 204 -28.73 -34.45 -7.42
CA LEU A 204 -27.31 -34.63 -7.15
C LEU A 204 -27.11 -35.47 -5.91
N LYS A 205 -28.15 -36.17 -5.47
CA LYS A 205 -28.07 -36.96 -4.24
C LYS A 205 -26.86 -37.87 -4.14
N HIS A 206 -26.57 -38.61 -5.20
CA HIS A 206 -25.48 -39.58 -5.15
C HIS A 206 -24.12 -39.03 -5.54
N VAL A 207 -24.05 -37.76 -5.92
CA VAL A 207 -22.79 -37.18 -6.35
C VAL A 207 -22.39 -35.95 -5.56
N ALA A 208 -23.25 -35.47 -4.67
CA ALA A 208 -22.96 -34.25 -3.94
C ALA A 208 -23.03 -34.37 -2.43
N VAL A 209 -22.33 -33.48 -1.74
CA VAL A 209 -22.33 -33.49 -0.28
C VAL A 209 -22.50 -32.06 0.23
N ASP A 210 -23.37 -31.87 1.21
CA ASP A 210 -23.56 -30.55 1.78
C ASP A 210 -22.29 -30.10 2.48
N LEU A 211 -21.58 -29.16 1.87
CA LEU A 211 -20.35 -28.66 2.44
C LEU A 211 -20.66 -27.80 3.65
N SER A 212 -21.76 -27.07 3.58
CA SER A 212 -22.15 -26.21 4.70
C SER A 212 -22.47 -27.03 5.95
N ALA A 213 -23.11 -28.17 5.78
CA ALA A 213 -23.43 -29.02 6.92
C ALA A 213 -22.18 -29.65 7.50
N GLU A 214 -21.25 -30.03 6.64
CA GLU A 214 -20.00 -30.59 7.11
C GLU A 214 -19.24 -29.56 7.93
N ALA A 215 -19.26 -28.31 7.49
CA ALA A 215 -18.61 -27.24 8.24
C ALA A 215 -19.26 -27.06 9.59
N ALA A 216 -20.59 -27.11 9.63
CA ALA A 216 -21.30 -26.97 10.90
C ALA A 216 -20.95 -28.09 11.87
N LYS A 217 -20.69 -29.29 11.35
CA LYS A 217 -20.28 -30.41 12.19
C LYS A 217 -18.94 -30.14 12.84
N TYR A 218 -18.12 -29.32 12.21
CA TYR A 218 -16.80 -29.03 12.74
C TYR A 218 -16.79 -27.94 13.79
N GLN A 219 -15.70 -27.86 14.55
CA GLN A 219 -15.63 -26.89 15.64
C GLN A 219 -14.76 -25.70 15.31
N PRO A 220 -15.24 -24.49 15.61
CA PRO A 220 -14.46 -23.28 15.36
C PRO A 220 -13.07 -23.34 15.99
N GLN A 221 -12.04 -23.27 15.18
CA GLN A 221 -10.68 -23.31 15.69
C GLN A 221 -10.02 -21.96 15.44
N PRO A 222 -8.92 -21.66 16.14
CA PRO A 222 -8.21 -20.41 15.84
C PRO A 222 -7.84 -20.31 14.37
N LEU A 223 -8.27 -19.23 13.72
CA LEU A 223 -8.00 -19.06 12.31
C LEU A 223 -6.54 -18.74 12.03
N VAL A 224 -5.89 -19.55 11.20
CA VAL A 224 -4.51 -19.29 10.84
C VAL A 224 -4.36 -19.24 9.33
N ALA A 225 -3.40 -18.48 8.85
CA ALA A 225 -3.17 -18.41 7.42
C ALA A 225 -1.90 -19.15 7.07
N ALA A 226 -1.99 -20.07 6.11
CA ALA A 226 -0.82 -20.84 5.69
C ALA A 226 0.25 -19.95 5.11
N ASP A 227 1.49 -20.14 5.53
CA ASP A 227 2.58 -19.38 4.97
C ASP A 227 2.91 -19.96 3.61
N LEU A 228 2.59 -19.21 2.55
CA LEU A 228 2.81 -19.73 1.21
C LEU A 228 3.96 -19.03 0.51
N PRO A 229 4.60 -19.72 -0.44
CA PRO A 229 5.64 -19.05 -1.22
C PRO A 229 5.04 -17.92 -2.05
N PRO A 230 5.84 -16.91 -2.38
CA PRO A 230 5.32 -15.85 -3.26
C PRO A 230 4.81 -16.37 -4.59
N ASP A 231 5.44 -17.40 -5.14
CA ASP A 231 5.04 -17.93 -6.44
C ASP A 231 3.98 -19.01 -6.37
N GLN A 232 3.41 -19.23 -5.19
CA GLN A 232 2.39 -20.26 -5.03
C GLN A 232 1.15 -19.96 -5.86
N VAL A 233 0.80 -20.87 -6.75
CA VAL A 233 -0.41 -20.69 -7.55
C VAL A 233 -1.63 -20.84 -6.65
N ILE A 234 -2.30 -19.73 -6.36
CA ILE A 234 -3.46 -19.77 -5.48
C ILE A 234 -4.73 -19.52 -6.26
N GLY A 235 -4.62 -19.37 -7.57
CA GLY A 235 -5.79 -19.08 -8.38
C GLY A 235 -5.56 -19.21 -9.87
N LEU A 236 -6.65 -19.42 -10.61
CA LEU A 236 -6.56 -19.54 -12.05
C LEU A 236 -7.74 -18.84 -12.69
N THR A 237 -7.51 -17.67 -13.27
CA THR A 237 -8.59 -16.94 -13.92
C THR A 237 -8.57 -17.28 -15.39
N TYR A 238 -9.70 -17.70 -15.94
CA TYR A 238 -9.70 -18.13 -17.32
C TYR A 238 -10.29 -17.10 -18.27
N THR A 239 -11.48 -16.59 -17.93
CA THR A 239 -12.15 -15.58 -18.76
C THR A 239 -12.09 -15.88 -20.27
N THR A 242 -14.30 -13.53 -26.91
CA THR A 242 -13.02 -14.24 -26.89
C THR A 242 -12.87 -15.12 -28.11
N THR A 243 -13.97 -15.74 -28.56
CA THR A 243 -13.93 -16.66 -29.71
C THR A 243 -12.69 -17.54 -29.77
N GLY A 244 -12.39 -18.21 -28.67
CA GLY A 244 -11.21 -19.06 -28.62
C GLY A 244 -11.16 -19.77 -27.29
N LYS A 245 -10.05 -20.44 -27.01
CA LYS A 245 -9.93 -21.18 -25.76
C LYS A 245 -9.48 -20.29 -24.63
N PRO A 246 -10.24 -20.30 -23.52
CA PRO A 246 -9.85 -19.50 -22.36
C PRO A 246 -8.47 -19.88 -21.82
N LYS A 247 -7.59 -18.90 -21.67
CA LYS A 247 -6.26 -19.17 -21.13
C LYS A 247 -6.25 -18.95 -19.63
N GLY A 248 -5.68 -19.90 -18.88
CA GLY A 248 -5.66 -19.79 -17.44
C GLY A 248 -4.55 -18.92 -16.90
N VAL A 249 -4.89 -17.69 -16.55
CA VAL A 249 -3.90 -16.80 -16.00
C VAL A 249 -3.51 -17.19 -14.58
N ILE A 250 -2.25 -17.54 -14.40
CA ILE A 250 -1.77 -17.99 -13.09
C ILE A 250 -1.76 -16.92 -12.02
N GLY A 251 -2.62 -17.04 -11.03
CA GLY A 251 -2.64 -16.08 -9.94
C GLY A 251 -1.70 -16.52 -8.84
N THR A 252 -0.64 -15.78 -8.64
CA THR A 252 0.32 -16.13 -7.59
C THR A 252 -0.01 -15.36 -6.32
N ALA A 253 0.47 -15.85 -5.19
CA ALA A 253 0.22 -15.18 -3.92
C ALA A 253 0.74 -13.75 -3.98
N GLN A 254 1.96 -13.58 -4.48
CA GLN A 254 2.53 -12.25 -4.61
C GLN A 254 1.69 -11.31 -5.44
N SER A 255 1.26 -11.74 -6.62
CA SER A 255 0.47 -10.88 -7.49
C SER A 255 -0.77 -10.33 -6.81
N ILE A 256 -1.51 -11.19 -6.13
CA ILE A 256 -2.73 -10.76 -5.46
C ILE A 256 -2.40 -9.81 -4.32
N ALA A 257 -1.37 -10.14 -3.54
CA ALA A 257 -0.96 -9.26 -2.46
C ALA A 257 -0.57 -7.88 -2.97
N THR A 258 0.16 -7.83 -4.07
CA THR A 258 0.55 -6.55 -4.65
C THR A 258 -0.67 -5.75 -5.05
N MET A 259 -1.60 -6.37 -5.76
CA MET A 259 -2.83 -5.70 -6.15
C MET A 259 -3.51 -5.07 -4.95
N THR A 260 -3.71 -5.85 -3.89
CA THR A 260 -4.36 -5.35 -2.68
C THR A 260 -3.62 -4.16 -2.09
N SER A 261 -2.30 -4.28 -1.96
CA SER A 261 -1.51 -3.18 -1.44
C SER A 261 -1.71 -1.90 -2.23
N ILE A 262 -1.67 -1.98 -3.56
CA ILE A 262 -1.87 -0.80 -4.40
C ILE A 262 -3.29 -0.26 -4.25
N GLN A 263 -4.28 -1.13 -4.11
CA GLN A 263 -5.64 -0.66 -3.88
C GLN A 263 -5.66 0.21 -2.64
N LEU A 264 -5.10 -0.29 -1.55
CA LEU A 264 -5.11 0.46 -0.29
C LEU A 264 -4.22 1.69 -0.31
N ALA A 265 -3.19 1.69 -1.14
CA ALA A 265 -2.25 2.81 -1.16
C ALA A 265 -2.60 3.90 -2.15
N GLU A 266 -3.26 3.55 -3.25
CA GLU A 266 -3.53 4.54 -4.29
C GLU A 266 -5.00 4.88 -4.49
N TRP A 267 -5.88 3.90 -4.30
CA TRP A 267 -7.29 4.15 -4.52
C TRP A 267 -7.80 5.00 -3.39
N GLU A 268 -8.77 5.86 -3.68
CA GLU A 268 -9.32 6.74 -2.66
C GLU A 268 -10.32 6.00 -1.80
N TRP A 269 -9.83 5.23 -0.84
CA TRP A 269 -10.71 4.45 0.01
C TRP A 269 -11.32 5.29 1.16
N PRO A 270 -12.68 5.32 1.31
CA PRO A 270 -13.15 6.13 2.46
C PRO A 270 -12.72 5.54 3.78
N ALA A 271 -12.50 6.37 4.80
CA ALA A 271 -12.16 5.86 6.12
C ALA A 271 -13.31 4.99 6.58
N ASN A 272 -13.02 3.77 7.05
CA ASN A 272 -14.06 2.82 7.44
C ASN A 272 -15.10 2.69 6.33
N PRO A 273 -14.72 2.07 5.20
CA PRO A 273 -15.64 2.04 4.07
C PRO A 273 -16.92 1.24 4.28
N ARG A 274 -18.06 1.89 4.10
CA ARG A 274 -19.31 1.15 4.16
C ARG A 274 -19.52 0.75 2.72
N PHE A 275 -19.16 -0.47 2.36
CA PHE A 275 -19.23 -0.89 0.97
C PHE A 275 -20.53 -1.55 0.56
N LEU A 276 -21.01 -1.26 -0.63
CA LEU A 276 -22.20 -1.92 -1.13
C LEU A 276 -21.76 -2.81 -2.28
N MET A 277 -21.83 -4.12 -2.07
CA MET A 277 -21.47 -5.05 -3.13
C MET A 277 -22.69 -5.47 -3.91
N CYS A 278 -22.87 -4.91 -5.10
CA CYS A 278 -24.00 -5.29 -5.93
C CYS A 278 -23.53 -6.23 -7.02
N THR A 279 -22.26 -6.59 -6.99
CA THR A 279 -21.69 -7.42 -8.04
C THR A 279 -21.30 -8.81 -7.55
N PRO A 280 -21.16 -9.78 -8.47
CA PRO A 280 -20.75 -11.14 -8.11
C PRO A 280 -19.59 -11.26 -7.14
N LEU A 281 -19.82 -11.95 -6.03
CA LEU A 281 -18.75 -12.18 -5.06
C LEU A 281 -17.79 -13.22 -5.61
N SER A 282 -18.32 -14.15 -6.40
CA SER A 282 -17.50 -15.22 -6.94
C SER A 282 -16.32 -14.67 -7.72
N HIS A 283 -16.49 -13.49 -8.30
CA HIS A 283 -15.44 -12.95 -9.15
C HIS A 283 -14.71 -11.74 -8.58
N ALA A 284 -15.38 -10.93 -7.77
CA ALA A 284 -14.75 -9.70 -7.27
C ALA A 284 -14.91 -9.51 -5.78
N GLY A 285 -15.35 -10.55 -5.07
CA GLY A 285 -15.56 -10.44 -3.65
C GLY A 285 -14.32 -10.07 -2.86
N ALA A 286 -13.31 -10.94 -2.91
CA ALA A 286 -12.07 -10.68 -2.20
C ALA A 286 -11.42 -9.37 -2.62
N ALA A 287 -11.56 -9.01 -3.89
CA ALA A 287 -10.95 -7.79 -4.40
C ALA A 287 -11.45 -6.51 -3.73
N PHE A 288 -12.62 -6.55 -3.13
CA PHE A 288 -13.14 -5.39 -2.44
C PHE A 288 -13.32 -5.64 -0.95
N PHE A 289 -13.73 -6.85 -0.57
CA PHE A 289 -13.95 -7.18 0.83
C PHE A 289 -12.69 -7.06 1.66
N THR A 290 -11.62 -7.72 1.22
CA THR A 290 -10.36 -7.63 1.94
C THR A 290 -9.93 -6.16 2.17
N PRO A 291 -9.81 -5.35 1.09
CA PRO A 291 -9.47 -3.95 1.40
C PRO A 291 -10.44 -3.25 2.35
N THR A 292 -11.74 -3.46 2.16
CA THR A 292 -12.74 -2.84 3.02
C THR A 292 -12.46 -3.14 4.49
N VAL A 293 -12.32 -4.42 4.84
CA VAL A 293 -12.12 -4.78 6.24
C VAL A 293 -10.71 -4.49 6.76
N ILE A 294 -9.74 -4.32 5.87
CA ILE A 294 -8.40 -3.95 6.32
C ILE A 294 -8.53 -2.52 6.82
N LYS A 295 -9.32 -1.71 6.11
CA LYS A 295 -9.53 -0.33 6.54
C LYS A 295 -10.62 -0.19 7.59
N GLY A 296 -11.02 -1.30 8.21
CA GLY A 296 -12.01 -1.25 9.27
C GLY A 296 -13.41 -0.98 8.77
N GLY A 297 -13.83 -1.69 7.74
CA GLY A 297 -15.14 -1.42 7.16
C GLY A 297 -16.17 -2.51 7.17
N GLU A 298 -17.34 -2.21 6.66
CA GLU A 298 -18.43 -3.17 6.64
C GLU A 298 -18.82 -3.39 5.19
N MET A 299 -19.36 -4.55 4.88
CA MET A 299 -19.81 -4.80 3.52
C MET A 299 -21.22 -5.32 3.44
N ILE A 300 -22.12 -4.54 2.86
CA ILE A 300 -23.48 -5.00 2.69
C ILE A 300 -23.56 -5.55 1.28
N VAL A 301 -23.83 -6.84 1.16
CA VAL A 301 -23.86 -7.46 -0.16
C VAL A 301 -25.27 -7.68 -0.64
N LEU A 302 -25.58 -7.20 -1.84
CA LEU A 302 -26.88 -7.42 -2.41
C LEU A 302 -26.84 -8.65 -3.28
N ALA A 303 -27.85 -9.51 -3.16
CA ALA A 303 -27.92 -10.68 -3.99
C ALA A 303 -28.52 -10.32 -5.33
N LYS A 304 -29.37 -9.29 -5.33
CA LYS A 304 -30.00 -8.85 -6.56
C LYS A 304 -29.86 -7.34 -6.74
N PHE A 305 -29.97 -6.88 -7.98
CA PHE A 305 -29.88 -5.45 -8.22
C PHE A 305 -31.23 -4.87 -8.59
N ASP A 306 -31.77 -4.02 -7.73
CA ASP A 306 -33.00 -3.33 -8.05
C ASP A 306 -32.67 -1.89 -7.79
N PRO A 307 -32.69 -1.05 -8.83
CA PRO A 307 -32.29 0.35 -8.65
C PRO A 307 -32.90 1.00 -7.42
N ALA A 308 -34.23 0.94 -7.26
CA ALA A 308 -34.89 1.50 -6.10
C ALA A 308 -34.27 1.01 -4.80
N GLU A 309 -34.17 -0.31 -4.65
CA GLU A 309 -33.56 -0.89 -3.45
C GLU A 309 -32.16 -0.33 -3.21
N VAL A 310 -31.33 -0.28 -4.25
CA VAL A 310 -29.97 0.21 -4.11
C VAL A 310 -29.94 1.63 -3.54
N LEU A 311 -30.69 2.54 -4.15
CA LEU A 311 -30.72 3.92 -3.69
C LEU A 311 -31.25 4.00 -2.27
N ARG A 312 -32.24 3.18 -1.95
CA ARG A 312 -32.78 3.14 -0.60
C ARG A 312 -31.73 2.69 0.39
N ILE A 313 -30.97 1.66 0.05
CA ILE A 313 -29.93 1.16 0.93
C ILE A 313 -28.88 2.24 1.18
N ILE A 314 -28.45 2.93 0.14
CA ILE A 314 -27.50 4.02 0.31
C ILE A 314 -28.02 5.04 1.31
N GLU A 315 -29.29 5.42 1.17
CA GLU A 315 -29.88 6.36 2.10
C GLU A 315 -29.93 5.80 3.51
N GLU A 316 -30.45 4.59 3.68
CA GLU A 316 -30.59 4.00 5.00
C GLU A 316 -29.28 3.66 5.68
N GLN A 317 -28.49 2.78 5.07
CA GLN A 317 -27.24 2.35 5.68
C GLN A 317 -26.09 3.31 5.50
N ARG A 318 -26.36 4.50 4.96
CA ARG A 318 -25.31 5.49 4.73
C ARG A 318 -24.11 4.88 4.04
N ILE A 319 -24.32 4.33 2.85
CA ILE A 319 -23.25 3.69 2.11
C ILE A 319 -22.23 4.71 1.62
N THR A 320 -20.96 4.50 1.95
CA THR A 320 -19.90 5.42 1.55
C THR A 320 -19.16 4.97 0.31
N ALA A 321 -19.23 3.67 0.00
CA ALA A 321 -18.48 3.16 -1.14
C ALA A 321 -19.23 2.06 -1.88
N THR A 322 -19.05 1.98 -3.19
CA THR A 322 -19.69 0.94 -3.99
C THR A 322 -18.98 0.71 -5.30
N MET A 323 -19.29 -0.37 -6.00
CA MET A 323 -18.71 -0.60 -7.32
C MET A 323 -19.84 -0.84 -8.30
N LEU A 324 -19.89 -0.05 -9.36
CA LEU A 324 -20.96 -0.21 -10.33
C LEU A 324 -20.43 -0.54 -11.71
N VAL A 325 -21.23 -1.25 -12.50
CA VAL A 325 -20.85 -1.55 -13.87
C VAL A 325 -21.62 -0.54 -14.73
N PRO A 326 -21.29 -0.42 -16.03
CA PRO A 326 -22.07 0.48 -16.87
C PRO A 326 -23.57 0.33 -16.71
N SER A 327 -24.11 -0.86 -16.91
CA SER A 327 -25.54 -1.10 -16.78
C SER A 327 -26.09 -0.58 -15.47
N MET A 328 -25.44 -0.90 -14.36
CA MET A 328 -25.91 -0.46 -13.06
C MET A 328 -25.95 1.06 -12.96
N LEU A 329 -24.88 1.71 -13.38
CA LEU A 329 -24.84 3.17 -13.38
C LEU A 329 -26.03 3.72 -14.15
N TYR A 330 -26.21 3.26 -15.38
CA TYR A 330 -27.29 3.79 -16.22
C TYR A 330 -28.64 3.61 -15.55
N ALA A 331 -28.88 2.43 -14.98
CA ALA A 331 -30.16 2.15 -14.34
C ALA A 331 -30.42 3.09 -13.17
N LEU A 332 -29.40 3.30 -12.34
CA LEU A 332 -29.56 4.22 -11.22
C LEU A 332 -29.84 5.61 -11.73
N LEU A 333 -29.07 6.07 -12.72
CA LEU A 333 -29.28 7.39 -13.29
C LEU A 333 -30.70 7.55 -13.77
N ASP A 334 -31.22 6.55 -14.47
CA ASP A 334 -32.56 6.66 -15.04
C ASP A 334 -33.70 6.49 -14.05
N HIS A 335 -33.39 6.05 -12.83
CA HIS A 335 -34.45 5.81 -11.87
C HIS A 335 -34.97 7.09 -11.27
N PRO A 336 -36.30 7.22 -11.15
CA PRO A 336 -36.87 8.40 -10.50
C PRO A 336 -36.43 8.59 -9.05
N ASP A 337 -36.15 7.49 -8.35
CA ASP A 337 -35.76 7.58 -6.95
C ASP A 337 -34.35 8.12 -6.75
N SER A 338 -33.55 8.18 -7.81
CA SER A 338 -32.23 8.76 -7.66
C SER A 338 -32.32 10.25 -7.44
N HIS A 339 -33.44 10.84 -7.86
CA HIS A 339 -33.66 12.26 -7.64
C HIS A 339 -34.20 12.47 -6.23
N THR A 340 -34.87 11.46 -5.69
CA THR A 340 -35.46 11.59 -4.36
C THR A 340 -34.56 11.15 -3.20
N ARG A 341 -33.88 10.02 -3.34
CA ARG A 341 -33.06 9.50 -2.25
C ARG A 341 -31.82 10.32 -1.98
N ASP A 342 -31.45 10.44 -0.72
CA ASP A 342 -30.24 11.16 -0.37
C ASP A 342 -29.04 10.25 -0.49
N LEU A 343 -28.20 10.52 -1.47
CA LEU A 343 -27.02 9.70 -1.68
C LEU A 343 -25.79 10.50 -1.33
N SER A 344 -25.90 11.39 -0.35
CA SER A 344 -24.78 12.23 0.04
C SER A 344 -23.68 11.44 0.73
N SER A 345 -24.04 10.33 1.35
CA SER A 345 -23.07 9.49 2.02
C SER A 345 -22.03 8.94 1.06
N LEU A 346 -22.44 8.66 -0.17
CA LEU A 346 -21.53 8.12 -1.17
C LEU A 346 -20.28 8.96 -1.35
N GLU A 347 -19.12 8.39 -1.06
CA GLU A 347 -17.86 9.11 -1.20
C GLU A 347 -17.10 8.63 -2.42
N THR A 348 -16.98 7.31 -2.57
CA THR A 348 -16.22 6.76 -3.68
C THR A 348 -16.93 5.65 -4.44
N VAL A 349 -17.33 5.92 -5.68
CA VAL A 349 -17.93 4.89 -6.50
C VAL A 349 -16.90 4.40 -7.49
N TYR A 350 -16.49 3.14 -7.32
CA TYR A 350 -15.51 2.58 -8.23
C TYR A 350 -16.20 2.04 -9.47
N TYR A 351 -15.53 2.11 -10.61
CA TYR A 351 -16.09 1.56 -11.84
C TYR A 351 -14.97 1.14 -12.79
N GLY A 352 -15.25 0.20 -13.68
CA GLY A 352 -14.22 -0.32 -14.57
C GLY A 352 -13.86 0.52 -15.77
N ALA A 353 -12.81 0.10 -16.48
CA ALA A 353 -12.35 0.85 -17.64
C ALA A 353 -13.00 0.47 -18.94
N SER A 354 -12.94 1.34 -19.94
CA SER A 354 -13.52 1.07 -21.26
C SER A 354 -14.89 0.43 -21.19
N ALA A 355 -15.82 1.07 -20.49
CA ALA A 355 -17.13 0.46 -20.30
C ALA A 355 -18.24 1.50 -20.20
N ILE A 356 -18.04 2.50 -19.35
CA ILE A 356 -19.07 3.52 -19.14
C ILE A 356 -19.02 4.63 -20.17
N ASN A 357 -20.15 4.87 -20.84
CA ASN A 357 -20.23 5.95 -21.82
C ASN A 357 -19.92 7.28 -21.18
N PRO A 358 -18.96 8.03 -21.75
CA PRO A 358 -18.56 9.33 -21.19
C PRO A 358 -19.71 10.30 -20.92
N VAL A 359 -20.70 10.36 -21.78
CA VAL A 359 -21.80 11.30 -21.60
C VAL A 359 -22.68 10.93 -20.42
N ARG A 360 -22.92 9.63 -20.24
CA ARG A 360 -23.70 9.19 -19.10
C ARG A 360 -22.90 9.42 -17.84
N LEU A 361 -21.59 9.25 -17.92
CA LEU A 361 -20.74 9.50 -16.78
C LEU A 361 -20.78 10.97 -16.42
N ALA A 362 -20.78 11.85 -17.41
CA ALA A 362 -20.87 13.29 -17.15
C ALA A 362 -22.18 13.60 -16.47
N GLU A 363 -23.27 13.02 -16.95
CA GLU A 363 -24.56 13.22 -16.32
C GLU A 363 -24.48 12.81 -14.87
N ALA A 364 -23.92 11.64 -14.60
CA ALA A 364 -23.78 11.17 -13.23
C ALA A 364 -23.00 12.14 -12.36
N ILE A 365 -21.88 12.65 -12.87
CA ILE A 365 -21.08 13.61 -12.11
C ILE A 365 -21.90 14.86 -11.82
N ARG A 366 -22.62 15.36 -12.81
CA ARG A 366 -23.44 16.55 -12.62
C ARG A 366 -24.57 16.33 -11.63
N ARG A 367 -25.10 15.12 -11.57
CA ARG A 367 -26.23 14.85 -10.71
C ARG A 367 -25.86 14.40 -9.30
N PHE A 368 -24.77 13.66 -9.15
CA PHE A 368 -24.43 13.12 -7.84
C PHE A 368 -23.10 13.62 -7.28
N GLY A 369 -22.38 14.42 -8.05
CA GLY A 369 -21.10 14.92 -7.60
C GLY A 369 -19.95 14.14 -8.18
N PRO A 370 -18.67 14.67 -8.06
CA PRO A 370 -17.62 13.81 -8.62
C PRO A 370 -17.17 12.79 -7.62
N ILE A 371 -17.95 11.72 -7.47
CA ILE A 371 -17.63 10.69 -6.51
C ILE A 371 -17.18 9.46 -7.27
N PHE A 372 -16.94 9.60 -8.56
CA PHE A 372 -16.62 8.43 -9.37
C PHE A 372 -15.14 8.22 -9.60
N ALA A 373 -14.69 6.98 -9.51
CA ALA A 373 -13.27 6.67 -9.66
C ALA A 373 -13.04 5.47 -10.56
N GLN A 374 -12.29 5.65 -11.63
CA GLN A 374 -12.08 4.57 -12.59
C GLN A 374 -10.84 3.77 -12.32
N TYR A 375 -10.91 2.45 -12.46
CA TYR A 375 -9.71 1.64 -12.33
C TYR A 375 -9.55 0.80 -13.58
N TYR A 376 -8.31 0.47 -13.94
CA TYR A 376 -8.07 -0.37 -15.10
C TYR A 376 -7.06 -1.44 -14.79
N GLY A 377 -7.34 -2.65 -15.21
CA GLY A 377 -6.40 -3.73 -15.02
C GLY A 377 -6.79 -4.89 -15.90
N GLN A 378 -5.93 -5.90 -15.97
CA GLN A 378 -6.23 -7.06 -16.78
C GLN A 378 -6.32 -8.27 -15.88
N SER A 379 -6.20 -9.46 -16.43
CA SER A 379 -6.20 -10.66 -15.61
C SER A 379 -4.74 -10.95 -15.38
N GLU A 380 -3.90 -10.44 -16.27
CA GLU A 380 -2.47 -10.65 -16.16
C GLU A 380 -1.87 -9.60 -15.25
N ALA A 381 -2.58 -8.50 -15.04
CA ALA A 381 -2.13 -7.48 -14.10
C ALA A 381 -3.40 -6.99 -13.45
N PRO A 382 -3.87 -7.71 -12.41
CA PRO A 382 -5.17 -7.38 -11.81
C PRO A 382 -5.54 -5.97 -11.35
N MET A 383 -6.59 -5.38 -11.91
CA MET A 383 -7.15 -4.08 -11.45
C MET A 383 -6.39 -2.76 -11.20
N VAL A 384 -5.10 -2.78 -10.95
CA VAL A 384 -4.43 -1.54 -10.58
C VAL A 384 -3.38 -0.97 -11.54
N ILE A 385 -3.49 -1.27 -12.83
CA ILE A 385 -2.57 -0.67 -13.78
C ILE A 385 -2.76 0.84 -13.81
N THR A 386 -3.96 1.30 -14.14
CA THR A 386 -4.24 2.73 -14.10
C THR A 386 -5.38 3.09 -13.16
N TYR A 387 -5.42 4.34 -12.73
CA TYR A 387 -6.47 4.79 -11.81
C TYR A 387 -6.86 6.24 -12.04
N LEU A 388 -8.13 6.49 -12.35
CA LEU A 388 -8.60 7.85 -12.53
C LEU A 388 -9.22 8.31 -11.23
N ALA A 389 -8.70 9.39 -10.66
CA ALA A 389 -9.20 9.88 -9.39
C ALA A 389 -10.51 10.62 -9.54
N LYS A 390 -11.21 10.80 -8.44
CA LYS A 390 -12.49 11.49 -8.47
C LYS A 390 -12.36 12.95 -8.88
N GLY A 391 -11.30 13.60 -8.43
CA GLY A 391 -11.07 14.99 -8.78
C GLY A 391 -10.48 15.14 -10.17
N ASP A 392 -9.94 14.06 -10.71
CA ASP A 392 -9.36 14.09 -12.04
C ASP A 392 -10.40 13.73 -13.09
N HIS A 393 -11.67 13.69 -12.69
CA HIS A 393 -12.73 13.39 -13.63
C HIS A 393 -13.15 14.65 -14.37
N ASP A 394 -12.30 15.13 -15.26
CA ASP A 394 -12.60 16.35 -15.99
C ASP A 394 -13.21 15.99 -17.33
N GLU A 395 -13.79 16.96 -18.02
CA GLU A 395 -14.45 16.68 -19.31
C GLU A 395 -13.54 15.98 -20.29
N LYS A 396 -12.25 16.33 -20.28
CA LYS A 396 -11.30 15.70 -21.18
C LYS A 396 -11.01 14.28 -20.75
N ARG A 397 -10.95 14.05 -19.44
CA ARG A 397 -10.60 12.74 -18.94
C ARG A 397 -11.75 11.77 -18.80
N LEU A 398 -12.89 12.08 -19.41
CA LEU A 398 -14.00 11.13 -19.37
C LEU A 398 -13.71 9.96 -20.29
N THR A 399 -12.75 10.12 -21.19
CA THR A 399 -12.37 9.05 -22.09
C THR A 399 -11.06 8.43 -21.64
N SER A 400 -10.54 8.91 -20.51
CA SER A 400 -9.28 8.38 -19.99
C SER A 400 -9.53 7.19 -19.09
N CYS A 401 -8.60 6.24 -19.07
CA CYS A 401 -8.72 5.09 -18.18
C CYS A 401 -8.07 5.41 -16.86
N GLY A 402 -7.21 6.41 -16.86
CA GLY A 402 -6.57 6.82 -15.63
C GLY A 402 -5.10 7.10 -15.75
N ARG A 403 -4.44 7.27 -14.60
CA ARG A 403 -3.01 7.52 -14.61
C ARG A 403 -2.28 6.30 -14.12
N PRO A 404 -1.20 5.91 -14.82
CA PRO A 404 -0.40 4.75 -14.42
C PRO A 404 0.04 4.72 -12.97
N THR A 405 0.07 3.53 -12.38
CA THR A 405 0.49 3.39 -10.99
C THR A 405 1.99 3.60 -10.84
N LEU A 406 2.42 3.89 -9.63
CA LEU A 406 3.85 4.09 -9.39
C LEU A 406 4.45 2.81 -8.87
N PHE A 407 3.62 1.94 -8.31
CA PHE A 407 4.12 0.72 -7.72
C PHE A 407 4.46 -0.31 -8.78
N ALA A 408 4.19 0.03 -10.03
CA ALA A 408 4.55 -0.85 -11.12
C ALA A 408 5.04 -0.01 -12.27
N ARG A 409 5.99 -0.52 -13.03
CA ARG A 409 6.48 0.21 -14.19
C ARG A 409 5.53 0.04 -15.36
N VAL A 410 4.84 1.11 -15.73
CA VAL A 410 3.90 1.06 -16.84
C VAL A 410 4.36 1.98 -17.97
N ALA A 411 4.50 1.44 -19.18
CA ALA A 411 4.93 2.24 -20.32
C ALA A 411 4.17 1.96 -21.59
N LEU A 412 4.25 2.88 -22.54
CA LEU A 412 3.60 2.68 -23.83
C LEU A 412 4.67 2.35 -24.85
N LEU A 413 4.73 1.11 -25.29
CA LEU A 413 5.79 0.70 -26.20
C LEU A 413 5.28 0.47 -27.61
N ASP A 414 6.16 0.52 -28.60
CA ASP A 414 5.74 0.28 -29.98
C ASP A 414 5.91 -1.16 -30.43
N GLU A 415 5.96 -1.38 -31.73
CA GLU A 415 6.11 -2.72 -32.28
C GLU A 415 7.46 -3.29 -31.89
N HIS A 416 8.50 -2.46 -31.91
CA HIS A 416 9.85 -2.90 -31.56
C HIS A 416 10.05 -2.97 -30.06
N GLY A 417 9.13 -2.39 -29.29
CA GLY A 417 9.22 -2.45 -27.85
C GLY A 417 9.91 -1.25 -27.27
N LYS A 418 10.03 -0.20 -28.06
CA LYS A 418 10.65 1.03 -27.57
C LYS A 418 9.57 1.98 -27.10
N PRO A 419 9.83 2.70 -26.01
CA PRO A 419 8.85 3.69 -25.56
C PRO A 419 8.46 4.68 -26.64
N VAL A 420 7.16 4.89 -26.83
CA VAL A 420 6.70 5.87 -27.81
C VAL A 420 6.76 7.26 -27.23
N LYS A 421 6.63 8.28 -28.07
CA LYS A 421 6.63 9.65 -27.58
C LYS A 421 5.29 9.99 -26.98
N GLN A 422 5.26 10.99 -26.11
CA GLN A 422 4.02 11.40 -25.49
C GLN A 422 3.05 11.89 -26.56
N GLY A 423 1.88 11.27 -26.64
CA GLY A 423 0.90 11.66 -27.64
C GLY A 423 0.71 10.55 -28.64
N GLU A 424 1.78 9.79 -28.91
CA GLU A 424 1.69 8.69 -29.84
C GLU A 424 0.98 7.51 -29.23
N VAL A 425 0.33 6.72 -30.07
CA VAL A 425 -0.36 5.54 -29.57
C VAL A 425 0.62 4.39 -29.42
N GLY A 426 0.70 3.84 -28.22
CA GLY A 426 1.57 2.70 -27.98
C GLY A 426 0.81 1.63 -27.24
N GLU A 427 1.46 0.51 -26.98
CA GLU A 427 0.82 -0.58 -26.26
C GLU A 427 1.12 -0.51 -24.78
N ILE A 428 0.09 -0.48 -23.96
CA ILE A 428 0.28 -0.47 -22.51
C ILE A 428 1.10 -1.68 -22.13
N CYS A 429 2.16 -1.46 -21.37
CA CYS A 429 3.01 -2.55 -20.96
C CYS A 429 3.33 -2.41 -19.48
N VAL A 430 3.15 -3.48 -18.72
CA VAL A 430 3.38 -3.41 -17.28
C VAL A 430 4.57 -4.25 -16.85
N SER A 431 5.26 -3.83 -15.79
CA SER A 431 6.40 -4.59 -15.28
C SER A 431 6.45 -4.45 -13.77
N GLY A 432 6.48 -5.58 -13.06
CA GLY A 432 6.49 -5.53 -11.62
C GLY A 432 5.84 -6.75 -11.01
N PRO A 433 5.80 -6.84 -9.64
CA PRO A 433 5.25 -8.11 -9.11
C PRO A 433 3.74 -8.18 -9.15
N LEU A 434 3.09 -7.19 -9.76
CA LEU A 434 1.64 -7.23 -9.91
C LEU A 434 1.37 -8.26 -10.99
N LEU A 435 2.33 -8.44 -11.89
CA LEU A 435 2.16 -9.37 -12.99
C LEU A 435 1.85 -10.78 -12.55
N ALA A 436 0.96 -11.43 -13.30
CA ALA A 436 0.59 -12.79 -12.98
C ALA A 436 1.67 -13.75 -13.43
N GLY A 437 1.59 -15.00 -13.01
CA GLY A 437 2.63 -15.97 -13.34
C GLY A 437 2.70 -16.44 -14.77
N GLY A 438 1.68 -16.17 -15.57
CA GLY A 438 1.69 -16.58 -16.95
C GLY A 438 0.43 -17.33 -17.31
N TYR A 439 0.55 -18.29 -18.21
CA TYR A 439 -0.61 -19.06 -18.64
C TYR A 439 -0.49 -20.53 -18.25
N TRP A 440 -1.56 -21.09 -17.72
CA TRP A 440 -1.54 -22.48 -17.27
C TRP A 440 -1.19 -23.44 -18.37
N ASN A 441 -0.04 -24.11 -18.26
CA ASN A 441 0.41 -25.08 -19.25
C ASN A 441 0.44 -24.54 -20.69
N LEU A 442 0.71 -23.26 -20.86
CA LEU A 442 0.82 -22.66 -22.19
C LEU A 442 2.10 -21.86 -22.25
N PRO A 443 3.25 -22.53 -22.42
CA PRO A 443 4.52 -21.82 -22.39
C PRO A 443 4.74 -20.84 -23.55
N ASP A 444 4.27 -21.18 -24.74
CA ASP A 444 4.47 -20.33 -25.89
C ASP A 444 3.74 -19.02 -25.72
N GLU A 445 2.48 -19.08 -25.30
CA GLU A 445 1.70 -17.88 -25.11
C GLU A 445 2.28 -17.03 -23.99
N THR A 446 2.77 -17.67 -22.93
CA THR A 446 3.39 -16.95 -21.84
C THR A 446 4.60 -16.18 -22.36
N SER A 447 5.44 -16.84 -23.15
CA SER A 447 6.64 -16.19 -23.67
C SER A 447 6.37 -15.12 -24.71
N ARG A 448 5.15 -15.10 -25.26
CA ARG A 448 4.80 -14.10 -26.26
C ARG A 448 4.09 -12.92 -25.62
N THR A 449 3.61 -13.09 -24.40
CA THR A 449 2.91 -12.01 -23.72
C THR A 449 3.80 -11.40 -22.67
N PHE A 450 4.35 -12.22 -21.79
CA PHE A 450 5.27 -11.74 -20.77
C PHE A 450 6.65 -11.84 -21.38
N LYS A 451 7.10 -10.82 -22.08
CA LYS A 451 8.39 -10.90 -22.77
C LYS A 451 9.25 -9.66 -22.62
N ASP A 452 10.56 -9.83 -22.74
CA ASP A 452 11.52 -8.71 -22.64
C ASP A 452 11.36 -7.85 -21.39
N GLY A 453 10.97 -8.46 -20.28
CA GLY A 453 10.79 -7.73 -19.04
C GLY A 453 9.50 -6.97 -18.98
N TRP A 454 8.55 -7.28 -19.87
CA TRP A 454 7.29 -6.54 -19.93
C TRP A 454 6.09 -7.41 -20.19
N LEU A 455 4.96 -7.09 -19.57
CA LEU A 455 3.74 -7.82 -19.89
C LEU A 455 3.11 -6.99 -20.98
N HIS A 456 2.74 -7.63 -22.07
CA HIS A 456 2.12 -6.91 -23.16
C HIS A 456 0.63 -7.05 -23.05
N THR A 457 -0.05 -6.01 -22.59
CA THR A 457 -1.50 -6.09 -22.36
C THR A 457 -2.34 -6.36 -23.59
N GLY A 458 -1.95 -5.80 -24.73
CA GLY A 458 -2.74 -5.96 -25.93
C GLY A 458 -3.68 -4.80 -26.10
N ASP A 459 -3.54 -3.79 -25.25
CA ASP A 459 -4.37 -2.61 -25.35
C ASP A 459 -3.55 -1.49 -25.91
N LEU A 460 -4.11 -0.76 -26.88
CA LEU A 460 -3.42 0.36 -27.43
C LEU A 460 -3.88 1.62 -26.72
N ALA A 461 -2.96 2.52 -26.41
CA ALA A 461 -3.31 3.74 -25.69
C ALA A 461 -2.39 4.90 -25.98
N ARG A 462 -2.85 6.11 -25.70
CA ARG A 462 -2.01 7.30 -25.88
C ARG A 462 -1.93 8.05 -24.57
N GLU A 463 -1.02 9.00 -24.47
CA GLU A 463 -0.84 9.74 -23.22
C GLU A 463 -0.89 11.23 -23.44
N ASP A 464 -1.57 11.96 -22.56
CA ASP A 464 -1.58 13.41 -22.68
C ASP A 464 -0.41 14.06 -21.94
N SER A 465 -0.37 15.38 -21.90
CA SER A 465 0.72 16.09 -21.24
C SER A 465 0.73 15.89 -19.75
N ASP A 466 -0.42 15.54 -19.17
CA ASP A 466 -0.51 15.37 -17.72
C ASP A 466 -0.15 13.97 -17.26
N GLY A 467 -0.32 12.98 -18.12
CA GLY A 467 0.04 11.62 -17.77
C GLY A 467 -1.10 10.63 -17.92
N PHE A 468 -2.29 11.14 -18.20
CA PHE A 468 -3.45 10.27 -18.34
C PHE A 468 -3.40 9.40 -19.57
N TYR A 469 -3.69 8.12 -19.40
CA TYR A 469 -3.69 7.20 -20.53
C TYR A 469 -5.07 7.19 -21.13
N TYR A 470 -5.16 7.15 -22.45
CA TYR A 470 -6.44 7.14 -23.13
C TYR A 470 -6.49 5.92 -24.03
N ILE A 471 -7.22 4.88 -23.60
CA ILE A 471 -7.28 3.65 -24.39
C ILE A 471 -7.99 3.86 -25.72
N VAL A 472 -7.26 3.69 -26.81
CA VAL A 472 -7.84 3.86 -28.13
C VAL A 472 -8.51 2.56 -28.57
N ASP A 473 -7.72 1.52 -28.77
CA ASP A 473 -8.27 0.24 -29.22
C ASP A 473 -7.46 -0.92 -28.69
N ARG A 474 -7.42 -2.01 -29.44
CA ARG A 474 -6.62 -3.15 -29.06
C ARG A 474 -5.61 -3.40 -30.15
N VAL A 475 -4.55 -4.16 -29.84
CA VAL A 475 -3.56 -4.49 -30.86
C VAL A 475 -4.27 -5.32 -31.92
N LYS A 476 -5.09 -6.27 -31.48
CA LYS A 476 -5.87 -7.08 -32.42
C LYS A 476 -6.64 -6.22 -33.40
N ASP A 477 -7.34 -5.21 -32.89
CA ASP A 477 -8.11 -4.31 -33.76
C ASP A 477 -7.21 -3.61 -34.76
N LEU B 63 13.54 -8.16 -15.53
CA LEU B 63 12.83 -7.16 -14.76
C LEU B 63 11.34 -7.45 -14.75
N LEU B 64 10.94 -8.58 -15.33
CA LEU B 64 9.52 -8.92 -15.41
C LEU B 64 8.75 -8.66 -14.13
N ARG B 65 9.12 -9.33 -13.05
CA ARG B 65 8.38 -9.17 -11.81
C ARG B 65 9.18 -8.49 -10.72
N SER B 66 10.16 -7.68 -11.10
CA SER B 66 10.99 -6.97 -10.12
C SER B 66 10.23 -5.84 -9.45
N PRO B 67 10.37 -5.70 -8.13
CA PRO B 67 9.67 -4.64 -7.41
C PRO B 67 10.21 -3.25 -7.68
N THR B 68 9.40 -2.23 -7.44
CA THR B 68 9.84 -0.85 -7.63
C THR B 68 10.33 -0.31 -6.31
N HIS B 69 11.14 0.75 -6.36
CA HIS B 69 11.68 1.34 -5.13
C HIS B 69 11.06 2.70 -4.82
N ASN B 70 11.45 3.29 -3.69
CA ASN B 70 10.85 4.56 -3.25
C ASN B 70 11.05 5.71 -4.23
N GLY B 71 12.16 5.72 -4.93
CA GLY B 71 12.41 6.75 -5.92
C GLY B 71 11.48 6.66 -7.09
N HIS B 72 11.09 5.46 -7.49
CA HIS B 72 10.11 5.32 -8.57
C HIS B 72 8.87 6.07 -8.17
N LEU B 73 8.41 5.84 -6.94
CA LEU B 73 7.21 6.52 -6.46
C LEU B 73 7.42 8.02 -6.37
N LEU B 74 8.58 8.44 -5.89
CA LEU B 74 8.88 9.87 -5.76
C LEU B 74 8.86 10.57 -7.12
N VAL B 75 9.62 10.04 -8.08
CA VAL B 75 9.67 10.63 -9.41
C VAL B 75 8.28 10.67 -9.99
N GLY B 76 7.56 9.56 -9.91
CA GLY B 76 6.22 9.50 -10.45
C GLY B 76 5.26 10.49 -9.84
N ALA B 77 5.34 10.70 -8.53
CA ALA B 77 4.46 11.66 -7.87
C ALA B 77 4.78 13.08 -8.31
N LEU B 78 6.06 13.40 -8.44
CA LEU B 78 6.45 14.72 -8.90
C LEU B 78 6.01 14.97 -10.33
N LYS B 79 5.89 13.91 -11.12
CA LYS B 79 5.41 14.03 -12.48
C LYS B 79 3.90 14.19 -12.49
N ARG B 80 3.20 13.43 -11.64
CA ARG B 80 1.75 13.55 -11.55
C ARG B 80 1.37 14.97 -11.16
N HIS B 81 2.14 15.57 -10.26
CA HIS B 81 1.84 16.90 -9.80
C HIS B 81 2.90 17.87 -10.26
N GLN B 82 3.19 17.87 -11.56
CA GLN B 82 4.23 18.74 -12.11
C GLN B 82 3.97 20.23 -11.93
N ASN B 83 2.72 20.62 -11.86
CA ASN B 83 2.40 22.04 -11.76
C ASN B 83 1.84 22.38 -10.40
N LYS B 84 1.56 21.36 -9.60
CA LYS B 84 1.01 21.58 -8.28
C LYS B 84 2.12 21.88 -7.28
N PRO B 85 2.03 23.02 -6.58
CA PRO B 85 3.03 23.37 -5.57
C PRO B 85 3.23 22.24 -4.61
N VAL B 86 4.47 21.86 -4.36
CA VAL B 86 4.72 20.68 -3.54
C VAL B 86 5.63 20.90 -2.33
N LEU B 87 6.49 21.93 -2.38
CA LEU B 87 7.41 22.20 -1.29
C LEU B 87 7.25 23.65 -0.85
N PHE B 88 7.26 23.90 0.45
CA PHE B 88 7.06 25.27 0.96
C PHE B 88 8.00 25.62 2.10
N LEU B 89 9.21 26.09 1.81
CA LEU B 89 10.07 26.57 2.89
C LEU B 89 10.23 28.07 2.74
N GLY B 90 9.53 28.81 3.59
CA GLY B 90 9.60 30.26 3.53
C GLY B 90 9.18 30.80 2.18
N ASP B 91 10.12 31.41 1.47
CA ASP B 91 9.82 31.98 0.16
C ASP B 91 9.85 30.94 -0.94
N THR B 92 10.54 29.83 -0.71
CA THR B 92 10.68 28.82 -1.74
C THR B 92 9.44 27.96 -1.86
N ARG B 93 8.63 28.23 -2.88
CA ARG B 93 7.45 27.43 -3.11
C ARG B 93 7.61 26.66 -4.40
N LEU B 94 8.34 25.56 -4.35
CA LEU B 94 8.61 24.79 -5.57
C LEU B 94 7.48 23.84 -5.89
N THR B 95 7.21 23.62 -7.18
CA THR B 95 6.19 22.67 -7.59
C THR B 95 6.84 21.31 -7.78
N GLY B 96 6.05 20.32 -8.19
CA GLY B 96 6.60 19.00 -8.42
C GLY B 96 7.62 19.01 -9.52
N GLY B 97 7.28 19.65 -10.63
CA GLY B 97 8.20 19.72 -11.76
C GLY B 97 9.45 20.50 -11.42
N GLN B 98 9.30 21.62 -10.73
CA GLN B 98 10.44 22.41 -10.33
C GLN B 98 11.38 21.60 -9.45
N LEU B 99 10.83 20.90 -8.48
CA LEU B 99 11.65 20.06 -7.62
C LEU B 99 12.37 19.00 -8.45
N ALA B 100 11.66 18.32 -9.32
CA ALA B 100 12.27 17.30 -10.17
C ALA B 100 13.43 17.85 -10.97
N ASP B 101 13.28 19.04 -11.51
CA ASP B 101 14.36 19.68 -12.28
C ASP B 101 15.59 19.87 -11.43
N ARG B 102 15.42 20.43 -10.23
CA ARG B 102 16.54 20.64 -9.33
C ARG B 102 17.15 19.33 -8.92
N ILE B 103 16.33 18.33 -8.63
CA ILE B 103 16.83 17.01 -8.26
C ILE B 103 17.73 16.48 -9.37
N SER B 104 17.30 16.62 -10.62
CA SER B 104 18.12 16.17 -11.74
C SER B 104 19.45 16.89 -11.80
N GLN B 105 19.41 18.20 -11.65
CA GLN B 105 20.64 18.98 -11.68
C GLN B 105 21.57 18.55 -10.56
N TYR B 106 21.00 18.27 -9.39
CA TYR B 106 21.80 17.81 -8.27
C TYR B 106 22.42 16.48 -8.59
N ILE B 107 21.65 15.54 -9.13
CA ILE B 107 22.18 14.24 -9.53
C ILE B 107 23.41 14.43 -10.41
N GLN B 108 23.27 15.26 -11.44
CA GLN B 108 24.38 15.49 -12.37
C GLN B 108 25.60 15.99 -11.62
N ALA B 109 25.43 16.99 -10.78
CA ALA B 109 26.54 17.52 -9.99
C ALA B 109 27.14 16.46 -9.08
N PHE B 110 26.32 15.70 -8.38
CA PHE B 110 26.81 14.65 -7.48
C PHE B 110 27.77 13.73 -8.19
N GLU B 111 27.33 13.13 -9.29
CA GLU B 111 28.18 12.19 -10.00
C GLU B 111 29.47 12.83 -10.51
N ALA B 112 29.38 14.08 -10.95
CA ALA B 112 30.57 14.77 -11.43
C ALA B 112 31.58 15.05 -10.33
N LEU B 113 31.09 15.37 -9.14
CA LEU B 113 31.98 15.71 -8.03
C LEU B 113 32.51 14.47 -7.34
N GLY B 114 32.03 13.31 -7.76
CA GLY B 114 32.44 12.08 -7.11
C GLY B 114 31.70 11.93 -5.80
N ALA B 115 30.38 12.03 -5.85
CA ALA B 115 29.56 11.91 -4.66
C ALA B 115 28.27 11.26 -5.11
N GLY B 116 28.34 10.50 -6.18
CA GLY B 116 27.15 9.86 -6.71
C GLY B 116 27.12 8.38 -6.50
N THR B 117 26.95 7.62 -7.58
CA THR B 117 26.84 6.18 -7.47
C THR B 117 28.14 5.53 -7.04
N GLY B 118 28.08 4.66 -6.05
CA GLY B 118 29.27 3.98 -5.57
C GLY B 118 30.00 4.75 -4.49
N VAL B 119 29.64 6.02 -4.31
CA VAL B 119 30.31 6.84 -3.32
C VAL B 119 29.44 7.01 -2.09
N ALA B 120 30.04 6.85 -0.92
CA ALA B 120 29.30 7.05 0.32
C ALA B 120 29.30 8.52 0.68
N VAL B 121 28.10 9.10 0.82
CA VAL B 121 27.99 10.52 1.11
C VAL B 121 27.34 10.77 2.46
N GLY B 122 27.67 11.90 3.08
CA GLY B 122 27.11 12.23 4.38
C GLY B 122 26.30 13.51 4.32
N LEU B 123 25.43 13.73 5.30
CA LEU B 123 24.58 14.92 5.30
C LEU B 123 24.49 15.58 6.67
N LEU B 124 25.11 16.73 6.82
CA LEU B 124 25.04 17.47 8.08
C LEU B 124 24.37 18.80 7.79
N SER B 125 23.04 18.80 7.76
CA SER B 125 22.34 20.03 7.42
C SER B 125 21.16 20.30 8.33
N LEU B 126 20.62 21.51 8.27
CA LEU B 126 19.44 21.84 9.05
C LEU B 126 18.22 21.66 8.15
N ASN B 127 17.32 22.65 8.14
CA ASN B 127 16.16 22.58 7.24
C ASN B 127 16.23 23.63 6.16
N ARG B 128 16.68 23.23 4.97
CA ARG B 128 16.74 24.14 3.84
C ARG B 128 15.86 23.51 2.78
N PRO B 129 15.46 24.29 1.76
CA PRO B 129 14.70 23.63 0.70
C PRO B 129 15.59 22.70 -0.12
N GLU B 130 16.89 22.95 -0.11
CA GLU B 130 17.83 22.14 -0.88
C GLU B 130 18.05 20.76 -0.29
N VAL B 131 17.76 20.58 0.98
CA VAL B 131 17.90 19.27 1.60
C VAL B 131 17.00 18.26 0.89
N LEU B 132 15.78 18.66 0.56
CA LEU B 132 14.88 17.76 -0.16
C LEU B 132 15.37 17.41 -1.56
N MET B 133 16.05 18.34 -2.23
CA MET B 133 16.61 18.04 -3.54
C MET B 133 17.73 17.02 -3.39
N ILE B 134 18.56 17.20 -2.35
CA ILE B 134 19.63 16.25 -2.09
C ILE B 134 19.04 14.88 -1.78
N ILE B 135 18.00 14.84 -0.94
CA ILE B 135 17.36 13.58 -0.59
C ILE B 135 16.77 12.93 -1.82
N GLY B 136 16.06 13.71 -2.63
CA GLY B 136 15.44 13.18 -3.84
C GLY B 136 16.43 12.56 -4.79
N ALA B 137 17.61 13.17 -4.89
CA ALA B 137 18.65 12.61 -5.75
C ALA B 137 19.03 11.22 -5.27
N GLY B 138 19.31 11.09 -3.97
CA GLY B 138 19.66 9.80 -3.41
C GLY B 138 18.53 8.79 -3.41
N GLN B 139 17.29 9.26 -3.46
CA GLN B 139 16.16 8.36 -3.49
C GLN B 139 16.01 7.77 -4.87
N ALA B 140 16.11 8.62 -5.89
CA ALA B 140 15.93 8.16 -7.26
C ALA B 140 17.05 7.25 -7.72
N ARG B 141 18.30 7.62 -7.45
CA ARG B 141 19.41 6.83 -7.97
C ARG B 141 20.04 5.86 -6.98
N GLY B 142 19.57 5.86 -5.73
CA GLY B 142 20.07 4.91 -4.76
C GLY B 142 21.43 5.23 -4.15
N TYR B 143 21.72 6.50 -3.94
CA TYR B 143 22.98 6.87 -3.31
C TYR B 143 22.89 6.52 -1.84
N ARG B 144 23.90 5.82 -1.32
CA ARG B 144 23.89 5.54 0.11
C ARG B 144 24.16 6.82 0.86
N ARG B 145 23.16 7.31 1.58
CA ARG B 145 23.32 8.54 2.32
C ARG B 145 23.34 8.25 3.80
N THR B 146 24.19 8.96 4.53
CA THR B 146 24.23 8.79 5.97
C THR B 146 24.04 10.15 6.62
N ALA B 147 22.85 10.40 7.14
CA ALA B 147 22.57 11.70 7.73
C ALA B 147 23.19 11.83 9.11
N LEU B 148 23.99 12.87 9.30
CA LEU B 148 24.59 13.13 10.61
C LEU B 148 23.63 13.99 11.41
N HIS B 149 23.49 13.70 12.69
CA HIS B 149 22.60 14.47 13.54
C HIS B 149 23.17 15.85 13.79
N PRO B 150 22.37 16.89 13.54
CA PRO B 150 22.85 18.27 13.70
C PRO B 150 23.65 18.49 14.97
N LEU B 151 23.06 18.20 16.12
CA LEU B 151 23.73 18.42 17.40
C LEU B 151 24.37 17.15 17.95
N GLY B 152 25.08 16.43 17.10
CA GLY B 152 25.76 15.23 17.54
C GLY B 152 27.16 15.53 18.00
N SER B 153 27.79 14.56 18.67
CA SER B 153 29.14 14.76 19.17
C SER B 153 30.17 14.43 18.11
N LEU B 154 31.39 14.93 18.28
CA LEU B 154 32.45 14.65 17.32
C LEU B 154 32.74 13.17 17.30
N ALA B 155 32.81 12.55 18.47
CA ALA B 155 33.07 11.13 18.55
C ALA B 155 32.06 10.34 17.74
N ASP B 156 30.77 10.61 17.97
CA ASP B 156 29.73 9.92 17.22
C ASP B 156 29.91 10.14 15.74
N HIS B 157 29.98 11.40 15.32
CA HIS B 157 30.12 11.73 13.91
C HIS B 157 31.30 11.00 13.28
N ALA B 158 32.46 11.03 13.93
CA ALA B 158 33.64 10.38 13.40
C ALA B 158 33.44 8.90 13.21
N TYR B 159 32.97 8.22 14.25
CA TYR B 159 32.73 6.78 14.16
C TYR B 159 31.80 6.47 13.00
N VAL B 160 30.69 7.19 12.91
CA VAL B 160 29.74 6.99 11.83
C VAL B 160 30.42 7.10 10.48
N LEU B 161 31.12 8.20 10.24
CA LEU B 161 31.75 8.41 8.94
C LEU B 161 32.82 7.37 8.64
N ASN B 162 33.63 7.04 9.64
CA ASN B 162 34.69 6.05 9.44
C ASN B 162 34.13 4.70 9.05
N ASP B 163 33.16 4.23 9.82
CA ASP B 163 32.56 2.92 9.55
C ASP B 163 31.95 2.92 8.16
N ALA B 164 31.17 3.94 7.83
CA ALA B 164 30.49 3.99 6.54
C ALA B 164 31.44 4.13 5.34
N GLY B 165 32.54 4.84 5.51
CA GLY B 165 33.45 5.08 4.41
C GLY B 165 33.08 6.37 3.73
N ILE B 166 32.52 7.31 4.47
CA ILE B 166 32.07 8.58 3.89
C ILE B 166 33.19 9.39 3.27
N SER B 167 33.10 9.62 1.96
CA SER B 167 34.13 10.36 1.27
C SER B 167 33.77 11.83 1.09
N SER B 168 32.48 12.11 0.95
CA SER B 168 32.03 13.49 0.78
C SER B 168 31.01 13.86 1.83
N LEU B 169 31.11 15.08 2.38
CA LEU B 169 30.20 15.48 3.43
C LEU B 169 29.41 16.72 3.05
N ILE B 170 28.12 16.54 2.75
CA ILE B 170 27.28 17.67 2.41
C ILE B 170 26.87 18.42 3.68
N ILE B 171 27.39 19.63 3.86
CA ILE B 171 27.07 20.40 5.05
C ILE B 171 26.35 21.71 4.83
N ASP B 172 25.60 22.15 5.83
CA ASP B 172 24.96 23.44 5.77
C ASP B 172 26.11 24.33 6.20
N PRO B 173 26.44 25.36 5.42
CA PRO B 173 27.62 26.17 5.77
C PRO B 173 27.50 27.13 6.95
N ASN B 174 26.99 26.70 8.08
CA ASN B 174 26.96 27.56 9.26
C ASN B 174 28.24 27.29 10.03
N PRO B 175 28.79 28.30 10.72
CA PRO B 175 30.04 28.16 11.46
C PRO B 175 30.22 26.84 12.23
N MET B 176 29.20 26.40 12.96
CA MET B 176 29.30 25.16 13.71
C MET B 176 29.61 23.99 12.79
N PHE B 177 28.88 23.86 11.69
CA PHE B 177 29.08 22.73 10.80
C PHE B 177 30.37 22.83 10.00
N VAL B 178 30.88 24.04 9.76
CA VAL B 178 32.16 24.16 9.08
C VAL B 178 33.32 23.80 10.01
N GLU B 179 33.16 24.06 11.30
CA GLU B 179 34.19 23.70 12.27
C GLU B 179 34.14 22.20 12.38
N ARG B 180 32.93 21.63 12.39
CA ARG B 180 32.78 20.20 12.47
C ARG B 180 33.38 19.55 11.23
N ALA B 181 33.12 20.13 10.07
CA ALA B 181 33.66 19.59 8.82
C ALA B 181 35.17 19.48 8.90
N LEU B 182 35.83 20.56 9.32
CA LEU B 182 37.28 20.54 9.43
C LEU B 182 37.76 19.49 10.40
N ALA B 183 37.14 19.41 11.56
CA ALA B 183 37.53 18.42 12.56
C ALA B 183 37.34 17.01 12.06
N LEU B 184 36.27 16.77 11.31
CA LEU B 184 36.01 15.44 10.78
C LEU B 184 36.98 15.11 9.67
N LEU B 185 37.45 16.11 8.94
CA LEU B 185 38.44 15.86 7.90
C LEU B 185 39.70 15.35 8.57
N GLU B 186 40.05 15.94 9.70
CA GLU B 186 41.25 15.53 10.42
C GLU B 186 41.09 14.12 10.99
N GLN B 187 39.91 13.81 11.49
CA GLN B 187 39.66 12.48 12.04
C GLN B 187 39.47 11.47 10.93
N VAL B 188 38.29 11.43 10.35
CA VAL B 188 38.00 10.53 9.24
C VAL B 188 38.91 10.86 8.07
N ASP B 189 39.80 9.92 7.73
CA ASP B 189 40.72 10.16 6.64
C ASP B 189 40.07 9.81 5.31
N SER B 190 39.06 8.94 5.35
CA SER B 190 38.34 8.61 4.14
C SER B 190 37.63 9.86 3.64
N LEU B 191 37.37 10.81 4.53
CA LEU B 191 36.75 12.08 4.14
C LEU B 191 37.70 12.82 3.22
N GLN B 192 37.34 12.90 1.95
CA GLN B 192 38.20 13.58 0.99
C GLN B 192 37.75 15.01 0.79
N GLN B 193 36.47 15.20 0.50
CA GLN B 193 35.99 16.55 0.23
C GLN B 193 34.74 16.90 1.02
N ILE B 194 34.40 18.18 1.03
CA ILE B 194 33.21 18.63 1.72
C ILE B 194 32.31 19.23 0.64
N LEU B 195 31.00 19.22 0.85
CA LEU B 195 30.08 19.78 -0.12
C LEU B 195 29.21 20.85 0.52
N THR B 196 29.50 22.11 0.25
CA THR B 196 28.76 23.18 0.88
C THR B 196 27.48 23.51 0.13
N ILE B 197 26.35 23.53 0.82
CA ILE B 197 25.11 23.93 0.17
C ILE B 197 25.04 25.44 0.20
N GLY B 198 25.68 26.08 -0.77
CA GLY B 198 25.74 27.52 -0.76
C GLY B 198 27.18 27.95 -0.80
N PRO B 199 27.46 29.25 -0.95
CA PRO B 199 28.83 29.76 -1.05
C PRO B 199 29.80 29.17 -0.04
N VAL B 200 30.91 28.63 -0.54
CA VAL B 200 31.92 28.03 0.32
C VAL B 200 32.53 29.03 1.29
N PRO B 201 32.62 28.67 2.57
CA PRO B 201 33.30 29.56 3.52
C PRO B 201 34.79 29.58 3.25
N ASP B 202 35.48 30.64 3.64
CA ASP B 202 36.90 30.75 3.35
C ASP B 202 37.75 29.70 4.05
N ALA B 203 37.31 29.27 5.24
CA ALA B 203 38.05 28.24 5.97
C ALA B 203 37.81 26.86 5.41
N LEU B 204 36.89 26.75 4.46
CA LEU B 204 36.62 25.46 3.84
C LEU B 204 36.90 25.55 2.36
N LYS B 205 37.31 26.73 1.88
CA LYS B 205 37.51 26.92 0.44
C LYS B 205 38.57 26.02 -0.17
N HIS B 206 39.50 25.54 0.64
CA HIS B 206 40.56 24.67 0.15
C HIS B 206 40.11 23.24 -0.04
N VAL B 207 38.90 22.89 0.40
CA VAL B 207 38.47 21.50 0.34
C VAL B 207 37.00 21.31 -0.04
N ALA B 208 36.23 22.40 -0.05
CA ALA B 208 34.80 22.25 -0.32
C ALA B 208 34.33 22.87 -1.62
N VAL B 209 33.26 22.31 -2.17
CA VAL B 209 32.70 22.84 -3.41
C VAL B 209 31.27 23.29 -3.19
N ASP B 210 30.89 24.40 -3.82
CA ASP B 210 29.51 24.87 -3.73
C ASP B 210 28.67 23.90 -4.55
N LEU B 211 28.04 22.95 -3.89
CA LEU B 211 27.22 21.96 -4.59
C LEU B 211 26.07 22.63 -5.29
N SER B 212 25.51 23.65 -4.68
CA SER B 212 24.37 24.33 -5.27
C SER B 212 24.72 24.99 -6.60
N ALA B 213 25.83 25.70 -6.64
CA ALA B 213 26.27 26.34 -7.88
C ALA B 213 26.62 25.30 -8.93
N GLU B 214 27.22 24.20 -8.51
CA GLU B 214 27.54 23.14 -9.43
C GLU B 214 26.28 22.62 -10.08
N ALA B 215 25.25 22.36 -9.29
CA ALA B 215 23.98 21.89 -9.84
C ALA B 215 23.39 22.90 -10.79
N ALA B 216 23.47 24.18 -10.43
CA ALA B 216 22.91 25.24 -11.27
C ALA B 216 23.48 25.27 -12.68
N LYS B 217 24.76 24.89 -12.83
CA LYS B 217 25.37 24.84 -14.14
C LYS B 217 24.63 23.88 -15.06
N TYR B 218 24.18 22.77 -14.52
CA TYR B 218 23.53 21.75 -15.35
C TYR B 218 22.13 22.08 -15.79
N GLN B 219 21.70 21.47 -16.89
CA GLN B 219 20.37 21.71 -17.40
C GLN B 219 19.43 20.66 -16.85
N PRO B 220 18.21 21.07 -16.47
CA PRO B 220 17.22 20.09 -16.00
C PRO B 220 17.02 18.95 -16.99
N GLN B 221 17.31 17.73 -16.57
CA GLN B 221 17.12 16.58 -17.43
C GLN B 221 15.90 15.82 -16.96
N PRO B 222 15.28 15.02 -17.85
CA PRO B 222 14.16 14.19 -17.39
C PRO B 222 14.55 13.33 -16.20
N LEU B 223 13.75 13.35 -15.15
CA LEU B 223 14.06 12.60 -13.95
C LEU B 223 13.78 11.11 -14.12
N VAL B 224 14.79 10.29 -13.88
CA VAL B 224 14.62 8.84 -13.99
C VAL B 224 15.02 8.18 -12.69
N ALA B 225 14.40 7.04 -12.38
CA ALA B 225 14.72 6.33 -11.17
C ALA B 225 15.48 5.06 -11.50
N ALA B 226 16.75 4.99 -11.11
CA ALA B 226 17.57 3.83 -11.40
C ALA B 226 16.94 2.56 -10.86
N ASP B 227 16.65 1.60 -11.72
CA ASP B 227 16.11 0.34 -11.24
C ASP B 227 17.13 -0.34 -10.33
N LEU B 228 16.83 -0.41 -9.04
CA LEU B 228 17.78 -0.98 -8.10
C LEU B 228 17.35 -2.36 -7.64
N PRO B 229 18.32 -3.22 -7.32
CA PRO B 229 17.96 -4.52 -6.76
C PRO B 229 17.27 -4.34 -5.40
N PRO B 230 16.34 -5.24 -5.05
CA PRO B 230 15.64 -5.14 -3.77
C PRO B 230 16.56 -4.85 -2.59
N ASP B 231 17.68 -5.56 -2.50
CA ASP B 231 18.56 -5.39 -1.35
C ASP B 231 19.76 -4.48 -1.63
N GLN B 232 19.53 -3.38 -2.33
CA GLN B 232 20.59 -2.43 -2.58
C GLN B 232 20.72 -1.52 -1.37
N VAL B 233 21.92 -1.38 -0.83
CA VAL B 233 22.13 -0.46 0.28
C VAL B 233 21.94 0.97 -0.19
N ILE B 234 20.81 1.57 0.18
CA ILE B 234 20.53 2.92 -0.26
C ILE B 234 20.64 3.88 0.92
N GLY B 235 21.03 3.36 2.07
CA GLY B 235 21.14 4.19 3.25
C GLY B 235 21.74 3.47 4.43
N LEU B 236 22.30 4.23 5.36
CA LEU B 236 22.91 3.65 6.53
C LEU B 236 22.54 4.48 7.74
N THR B 237 21.65 3.96 8.59
CA THR B 237 21.20 4.73 9.74
C THR B 237 21.85 4.27 11.02
N TYR B 238 22.60 5.16 11.66
CA TYR B 238 23.33 4.78 12.86
C TYR B 238 22.56 5.13 14.12
N GLY B 244 26.93 0.89 23.79
CA GLY B 244 28.00 0.50 22.90
C GLY B 244 28.30 1.54 21.84
N LYS B 245 28.65 1.09 20.65
CA LYS B 245 28.99 2.02 19.57
C LYS B 245 27.94 1.98 18.47
N PRO B 246 27.59 3.16 17.92
CA PRO B 246 26.55 3.23 16.89
C PRO B 246 26.70 2.22 15.76
N LYS B 247 25.73 1.33 15.60
CA LYS B 247 25.78 0.37 14.51
C LYS B 247 24.91 0.85 13.36
N GLY B 248 25.44 0.79 12.14
CA GLY B 248 24.70 1.28 11.00
C GLY B 248 23.73 0.30 10.41
N VAL B 249 22.44 0.54 10.59
CA VAL B 249 21.46 -0.34 9.98
C VAL B 249 21.53 -0.26 8.47
N ILE B 250 21.47 -1.42 7.81
CA ILE B 250 21.57 -1.44 6.37
C ILE B 250 20.20 -1.20 5.75
N GLY B 251 19.95 0.03 5.32
CA GLY B 251 18.68 0.35 4.69
C GLY B 251 18.68 -0.15 3.27
N THR B 252 17.81 -1.11 2.96
CA THR B 252 17.73 -1.63 1.61
C THR B 252 16.58 -0.97 0.87
N ALA B 253 16.63 -1.00 -0.47
CA ALA B 253 15.56 -0.42 -1.27
C ALA B 253 14.22 -1.03 -0.90
N GLN B 254 14.18 -2.36 -0.76
CA GLN B 254 12.95 -3.04 -0.41
C GLN B 254 12.39 -2.59 0.92
N SER B 255 13.21 -2.58 1.95
CA SER B 255 12.76 -2.18 3.28
C SER B 255 12.06 -0.84 3.28
N ILE B 256 12.66 0.16 2.63
CA ILE B 256 12.10 1.49 2.62
C ILE B 256 10.82 1.53 1.79
N ALA B 257 10.81 0.84 0.66
CA ALA B 257 9.60 0.79 -0.16
C ALA B 257 8.46 0.16 0.61
N THR B 258 8.74 -0.90 1.37
CA THR B 258 7.72 -1.55 2.17
C THR B 258 7.15 -0.55 3.17
N MET B 259 8.03 0.16 3.89
CA MET B 259 7.58 1.17 4.83
C MET B 259 6.61 2.15 4.18
N THR B 260 7.02 2.71 3.04
CA THR B 260 6.17 3.68 2.35
C THR B 260 4.81 3.12 2.01
N SER B 261 4.77 1.91 1.45
CA SER B 261 3.51 1.29 1.11
C SER B 261 2.60 1.12 2.32
N ILE B 262 3.16 0.66 3.44
CA ILE B 262 2.36 0.50 4.66
C ILE B 262 1.88 1.85 5.16
N GLN B 263 2.73 2.86 5.11
CA GLN B 263 2.30 4.20 5.50
C GLN B 263 1.08 4.60 4.71
N LEU B 264 1.17 4.54 3.38
CA LEU B 264 0.06 4.94 2.55
C LEU B 264 -1.20 4.14 2.81
N ALA B 265 -1.05 2.84 3.04
CA ALA B 265 -2.20 1.98 3.26
C ALA B 265 -2.80 2.10 4.65
N GLU B 266 -2.03 1.75 5.68
CA GLU B 266 -2.55 1.73 7.06
C GLU B 266 -2.69 3.07 7.78
N TRP B 267 -1.81 4.02 7.51
CA TRP B 267 -1.88 5.28 8.26
C TRP B 267 -3.07 6.10 7.80
N GLU B 268 -3.62 6.90 8.70
CA GLU B 268 -4.80 7.69 8.37
C GLU B 268 -4.44 9.01 7.71
N TRP B 269 -3.96 8.96 6.48
CA TRP B 269 -3.57 10.17 5.77
C TRP B 269 -4.80 10.96 5.36
N PRO B 270 -4.79 12.26 5.64
CA PRO B 270 -5.92 13.09 5.20
C PRO B 270 -5.92 13.30 3.70
N ALA B 271 -7.07 13.65 3.14
CA ALA B 271 -7.13 13.93 1.71
C ALA B 271 -6.24 15.10 1.41
N ASN B 272 -5.31 14.94 0.47
CA ASN B 272 -4.35 16.00 0.13
C ASN B 272 -3.71 16.59 1.37
N PRO B 273 -2.83 15.82 2.03
CA PRO B 273 -2.28 16.32 3.29
C PRO B 273 -1.49 17.60 3.21
N ARG B 274 -1.92 18.64 3.91
CA ARG B 274 -1.13 19.85 3.96
C ARG B 274 -0.19 19.56 5.09
N PHE B 275 0.91 18.87 4.81
CA PHE B 275 1.81 18.45 5.88
C PHE B 275 2.65 19.57 6.45
N LEU B 276 2.84 19.57 7.77
CA LEU B 276 3.72 20.55 8.38
C LEU B 276 4.92 19.81 8.92
N MET B 277 6.10 20.19 8.47
CA MET B 277 7.31 19.53 8.93
C MET B 277 8.11 20.46 9.83
N CYS B 278 7.90 20.35 11.13
CA CYS B 278 8.67 21.15 12.07
C CYS B 278 9.82 20.32 12.56
N THR B 279 10.05 19.19 11.90
CA THR B 279 11.14 18.30 12.30
C THR B 279 12.18 18.30 11.19
N PRO B 280 13.44 17.97 11.52
CA PRO B 280 14.48 17.87 10.49
C PRO B 280 14.11 17.13 9.22
N LEU B 281 14.49 17.69 8.08
CA LEU B 281 14.25 17.02 6.80
C LEU B 281 15.24 15.89 6.70
N SER B 282 16.38 16.04 7.35
CA SER B 282 17.35 14.95 7.39
C SER B 282 16.74 13.94 8.34
N HIS B 283 17.11 12.66 8.21
CA HIS B 283 16.57 11.58 9.07
C HIS B 283 15.11 11.16 8.84
N ALA B 284 14.17 12.11 8.77
CA ALA B 284 12.76 11.73 8.64
C ALA B 284 11.96 12.43 7.54
N GLY B 285 12.57 13.39 6.86
CA GLY B 285 11.85 14.15 5.84
C GLY B 285 11.23 13.32 4.74
N ALA B 286 12.03 12.48 4.08
CA ALA B 286 11.53 11.66 2.99
C ALA B 286 10.39 10.75 3.40
N ALA B 287 10.44 10.24 4.63
CA ALA B 287 9.41 9.32 5.11
C ALA B 287 8.05 9.95 5.27
N PHE B 288 7.97 11.27 5.17
CA PHE B 288 6.68 11.94 5.23
C PHE B 288 6.42 12.66 3.92
N PHE B 289 7.46 13.23 3.33
CA PHE B 289 7.31 13.95 2.07
C PHE B 289 6.77 13.07 0.96
N THR B 290 7.45 11.96 0.71
CA THR B 290 6.99 11.04 -0.32
C THR B 290 5.52 10.61 -0.15
N PRO B 291 5.12 10.09 1.03
CA PRO B 291 3.69 9.75 1.13
C PRO B 291 2.76 10.95 0.96
N THR B 292 3.13 12.11 1.51
CA THR B 292 2.31 13.31 1.38
C THR B 292 2.04 13.61 -0.08
N VAL B 293 3.09 13.65 -0.89
CA VAL B 293 2.93 13.98 -2.30
C VAL B 293 2.30 12.87 -3.14
N ILE B 294 2.37 11.63 -2.68
CA ILE B 294 1.70 10.54 -3.40
C ILE B 294 0.21 10.72 -3.16
N LYS B 295 -0.17 11.12 -1.96
CA LYS B 295 -1.58 11.37 -1.65
C LYS B 295 -2.12 12.67 -2.26
N GLY B 296 -1.31 13.37 -3.04
CA GLY B 296 -1.77 14.57 -3.71
C GLY B 296 -1.66 15.81 -2.87
N GLY B 297 -0.81 15.76 -1.85
CA GLY B 297 -0.67 16.89 -0.97
C GLY B 297 0.66 17.58 -1.07
N GLU B 298 0.88 18.56 -0.22
CA GLU B 298 2.11 19.34 -0.26
C GLU B 298 2.70 19.52 1.13
N MET B 299 3.98 19.86 1.19
CA MET B 299 4.63 19.96 2.50
C MET B 299 5.12 21.34 2.86
N ILE B 300 4.54 21.94 3.88
CA ILE B 300 5.02 23.22 4.36
C ILE B 300 6.06 22.90 5.41
N VAL B 301 7.32 23.17 5.12
CA VAL B 301 8.36 22.78 6.06
C VAL B 301 8.92 23.98 6.83
N LEU B 302 8.90 23.89 8.16
CA LEU B 302 9.45 24.96 8.98
C LEU B 302 10.95 24.77 9.15
N ALA B 303 11.69 25.87 9.09
CA ALA B 303 13.14 25.79 9.28
C ALA B 303 13.47 25.40 10.71
N LYS B 304 12.73 25.96 11.67
CA LYS B 304 12.96 25.63 13.07
C LYS B 304 11.62 25.44 13.77
N PHE B 305 11.64 24.78 14.92
CA PHE B 305 10.41 24.65 15.67
C PHE B 305 10.24 25.85 16.58
N ASP B 306 9.24 26.66 16.29
CA ASP B 306 8.94 27.79 17.16
C ASP B 306 7.46 27.65 17.43
N PRO B 307 7.04 27.40 18.73
CA PRO B 307 5.60 27.16 18.90
C PRO B 307 4.65 28.18 18.28
N ALA B 308 4.92 29.47 18.48
CA ALA B 308 4.06 30.51 17.93
C ALA B 308 3.93 30.35 16.43
N GLU B 309 5.05 30.17 15.74
CA GLU B 309 5.01 29.99 14.30
C GLU B 309 4.18 28.80 13.90
N VAL B 310 4.40 27.65 14.54
CA VAL B 310 3.63 26.46 14.23
C VAL B 310 2.13 26.74 14.33
N LEU B 311 1.69 27.29 15.45
CA LEU B 311 0.27 27.61 15.64
C LEU B 311 -0.23 28.50 14.51
N ARG B 312 0.54 29.53 14.18
CA ARG B 312 0.17 30.43 13.10
C ARG B 312 -0.03 29.68 11.78
N ILE B 313 0.93 28.84 11.40
CA ILE B 313 0.83 28.10 10.15
C ILE B 313 -0.42 27.21 10.12
N ILE B 314 -0.70 26.50 11.21
CA ILE B 314 -1.89 25.67 11.26
C ILE B 314 -3.13 26.48 10.88
N GLU B 315 -3.24 27.68 11.41
CA GLU B 315 -4.38 28.54 11.08
C GLU B 315 -4.27 29.11 9.68
N GLU B 316 -3.21 29.86 9.41
CA GLU B 316 -3.04 30.51 8.11
C GLU B 316 -3.04 29.57 6.93
N GLN B 317 -2.15 28.59 6.93
CA GLN B 317 -2.03 27.69 5.79
C GLN B 317 -2.86 26.44 5.92
N ARG B 318 -3.93 26.48 6.74
CA ARG B 318 -4.84 25.35 6.89
C ARG B 318 -4.15 23.99 6.95
N ILE B 319 -3.19 23.84 7.85
CA ILE B 319 -2.44 22.60 7.94
C ILE B 319 -3.33 21.46 8.39
N THR B 320 -3.36 20.37 7.62
CA THR B 320 -4.20 19.23 7.97
C THR B 320 -3.43 18.08 8.58
N ALA B 321 -2.11 18.09 8.45
CA ALA B 321 -1.31 17.00 8.98
C ALA B 321 0.04 17.47 9.49
N THR B 322 0.50 16.92 10.61
CA THR B 322 1.77 17.38 11.22
C THR B 322 2.43 16.28 12.01
N MET B 323 3.73 16.08 11.82
CA MET B 323 4.42 15.13 12.67
C MET B 323 4.94 15.91 13.86
N LEU B 324 4.45 15.57 15.04
CA LEU B 324 4.85 16.28 16.25
C LEU B 324 5.46 15.32 17.23
N VAL B 325 6.76 15.43 17.47
CA VAL B 325 7.37 14.59 18.49
C VAL B 325 6.85 15.03 19.86
N PRO B 326 6.78 14.12 20.84
CA PRO B 326 6.31 14.45 22.18
C PRO B 326 6.62 15.87 22.66
N SER B 327 7.89 16.22 22.77
CA SER B 327 8.29 17.55 23.25
C SER B 327 7.58 18.70 22.54
N MET B 328 7.55 18.66 21.22
CA MET B 328 6.91 19.73 20.45
C MET B 328 5.43 19.83 20.77
N LEU B 329 4.76 18.71 20.90
CA LEU B 329 3.34 18.71 21.23
C LEU B 329 3.11 19.35 22.58
N TYR B 330 3.96 19.05 23.55
CA TYR B 330 3.79 19.58 24.89
C TYR B 330 3.93 21.09 24.84
N ALA B 331 4.91 21.58 24.09
CA ALA B 331 5.13 23.01 23.97
C ALA B 331 3.93 23.69 23.33
N LEU B 332 3.34 23.05 22.33
CA LEU B 332 2.17 23.62 21.68
C LEU B 332 1.02 23.71 22.66
N LEU B 333 0.83 22.67 23.46
CA LEU B 333 -0.23 22.66 24.47
C LEU B 333 -0.08 23.85 25.40
N ASP B 334 1.12 24.03 25.93
CA ASP B 334 1.37 25.11 26.89
C ASP B 334 1.74 26.40 26.20
N HIS B 335 0.89 26.89 25.31
CA HIS B 335 1.16 28.14 24.63
C HIS B 335 -0.08 29.00 24.58
N PRO B 336 0.09 30.31 24.83
CA PRO B 336 -1.04 31.24 24.72
C PRO B 336 -1.70 31.24 23.35
N ASP B 337 -0.92 31.01 22.30
CA ASP B 337 -1.45 31.03 20.96
C ASP B 337 -2.22 29.78 20.58
N SER B 338 -2.19 28.75 21.42
CA SER B 338 -2.97 27.56 21.15
C SER B 338 -4.43 27.89 21.33
N HIS B 339 -4.72 28.80 22.26
CA HIS B 339 -6.10 29.22 22.48
C HIS B 339 -6.46 30.27 21.44
N THR B 340 -5.50 31.09 21.05
CA THR B 340 -5.77 32.16 20.09
C THR B 340 -6.01 31.65 18.68
N ARG B 341 -5.07 30.91 18.13
CA ARG B 341 -5.18 30.46 16.75
C ARG B 341 -6.17 29.32 16.53
N ASP B 342 -6.62 29.18 15.30
CA ASP B 342 -7.54 28.09 14.96
C ASP B 342 -6.75 26.83 14.64
N LEU B 343 -7.13 25.72 15.25
CA LEU B 343 -6.42 24.48 15.00
C LEU B 343 -7.38 23.42 14.47
N SER B 344 -8.53 23.87 13.97
CA SER B 344 -9.53 22.94 13.48
C SER B 344 -9.10 22.23 12.20
N SER B 345 -8.35 22.94 11.36
CA SER B 345 -7.87 22.36 10.11
C SER B 345 -7.10 21.08 10.35
N LEU B 346 -6.42 21.01 11.49
CA LEU B 346 -5.62 19.83 11.82
C LEU B 346 -6.47 18.57 11.89
N GLU B 347 -6.15 17.59 11.07
CA GLU B 347 -6.91 16.35 11.06
C GLU B 347 -6.11 15.20 11.63
N THR B 348 -4.87 15.03 11.19
CA THR B 348 -4.07 13.90 11.66
C THR B 348 -2.69 14.30 12.16
N VAL B 349 -2.50 14.27 13.47
CA VAL B 349 -1.18 14.54 14.04
C VAL B 349 -0.46 13.23 14.21
N TYR B 350 0.64 13.04 13.49
CA TYR B 350 1.43 11.83 13.67
C TYR B 350 2.42 12.05 14.81
N TYR B 351 2.53 11.10 15.72
CA TYR B 351 3.47 11.21 16.81
C TYR B 351 3.97 9.82 17.16
N GLY B 352 5.04 9.73 17.94
CA GLY B 352 5.52 8.44 18.35
C GLY B 352 6.98 8.22 18.03
N ALA B 353 7.73 9.31 17.91
CA ALA B 353 9.14 9.20 17.63
C ALA B 353 9.86 8.60 18.82
N SER B 354 9.68 9.19 20.00
CA SER B 354 10.31 8.67 21.20
C SER B 354 9.31 8.61 22.34
N ALA B 355 8.57 7.51 22.45
CA ALA B 355 7.56 7.34 23.51
C ALA B 355 6.51 8.45 23.58
N ILE B 356 5.87 8.61 24.74
CA ILE B 356 4.84 9.64 24.93
C ILE B 356 4.43 9.63 26.39
N ASN B 357 3.87 10.74 26.89
CA ASN B 357 3.36 10.77 28.25
C ASN B 357 1.86 10.72 28.15
N PRO B 358 1.24 9.65 28.69
CA PRO B 358 -0.22 9.49 28.61
C PRO B 358 -1.00 10.62 29.25
N VAL B 359 -0.41 11.30 30.23
CA VAL B 359 -1.07 12.40 30.89
C VAL B 359 -1.28 13.55 29.92
N ARG B 360 -0.23 13.88 29.19
CA ARG B 360 -0.32 14.97 28.23
C ARG B 360 -1.12 14.55 27.02
N LEU B 361 -1.11 13.26 26.72
CA LEU B 361 -1.93 12.76 25.63
C LEU B 361 -3.38 13.01 25.97
N ALA B 362 -3.77 12.68 27.19
CA ALA B 362 -5.14 12.89 27.62
C ALA B 362 -5.52 14.34 27.50
N GLU B 363 -4.65 15.23 27.98
CA GLU B 363 -4.97 16.64 27.96
C GLU B 363 -5.04 17.19 26.53
N ALA B 364 -4.28 16.59 25.61
CA ALA B 364 -4.29 17.04 24.23
C ALA B 364 -5.57 16.59 23.56
N ILE B 365 -6.00 15.37 23.86
CA ILE B 365 -7.25 14.87 23.29
C ILE B 365 -8.41 15.69 23.86
N ARG B 366 -8.32 16.04 25.14
CA ARG B 366 -9.36 16.86 25.74
C ARG B 366 -9.46 18.20 25.02
N ARG B 367 -8.32 18.79 24.69
CA ARG B 367 -8.34 20.11 24.08
C ARG B 367 -8.58 20.14 22.57
N PHE B 368 -7.97 19.22 21.83
CA PHE B 368 -8.07 19.29 20.38
C PHE B 368 -8.85 18.15 19.72
N GLY B 369 -9.33 17.21 20.53
CA GLY B 369 -10.07 16.08 19.98
C GLY B 369 -9.15 14.91 19.74
N PRO B 370 -9.71 13.76 19.33
CA PRO B 370 -8.88 12.60 19.00
C PRO B 370 -8.33 12.72 17.59
N ILE B 371 -7.47 13.70 17.35
CA ILE B 371 -6.90 13.91 16.03
C ILE B 371 -5.49 13.42 16.01
N PHE B 372 -5.11 12.60 16.99
CA PHE B 372 -3.72 12.16 17.10
C PHE B 372 -3.56 10.73 16.64
N ALA B 373 -2.36 10.35 16.21
CA ALA B 373 -2.13 9.01 15.71
C ALA B 373 -0.71 8.55 16.02
N GLN B 374 -0.58 7.44 16.75
CA GLN B 374 0.74 6.99 17.16
C GLN B 374 1.36 5.95 16.26
N TYR B 375 2.60 6.16 15.85
CA TYR B 375 3.29 5.14 15.07
C TYR B 375 4.47 4.64 15.88
N TYR B 376 4.92 3.41 15.63
CA TYR B 376 6.08 2.87 16.32
C TYR B 376 6.92 2.04 15.37
N GLY B 377 8.23 2.18 15.43
CA GLY B 377 9.12 1.40 14.60
C GLY B 377 10.56 1.73 14.90
N GLN B 378 11.42 0.72 14.90
CA GLN B 378 12.83 0.95 15.22
C GLN B 378 13.64 1.18 13.95
N SER B 379 14.92 1.46 14.08
CA SER B 379 15.76 1.64 12.88
C SER B 379 15.75 0.38 12.04
N GLU B 380 15.71 -0.78 12.68
CA GLU B 380 15.70 -2.04 11.97
C GLU B 380 14.39 -2.29 11.23
N ALA B 381 13.28 -1.77 11.76
CA ALA B 381 12.01 -1.89 11.05
C ALA B 381 11.43 -0.50 10.92
N PRO B 382 12.01 0.33 10.03
CA PRO B 382 11.60 1.73 9.87
C PRO B 382 10.64 2.41 10.85
N MET B 383 9.34 2.52 10.55
CA MET B 383 8.43 3.26 11.43
C MET B 383 7.05 2.67 11.44
N VAL B 384 6.91 1.44 10.95
CA VAL B 384 5.57 0.87 10.78
C VAL B 384 5.32 -0.48 11.45
N ILE B 385 5.90 -0.72 12.62
CA ILE B 385 5.61 -1.96 13.34
C ILE B 385 4.19 -1.90 13.89
N THR B 386 3.92 -0.95 14.77
CA THR B 386 2.56 -0.80 15.29
C THR B 386 1.97 0.56 14.98
N TYR B 387 0.65 0.69 15.09
CA TYR B 387 -0.02 1.96 14.78
C TYR B 387 -1.30 2.15 15.57
N LEU B 388 -1.39 3.22 16.35
CA LEU B 388 -2.60 3.51 17.09
C LEU B 388 -3.45 4.43 16.24
N ALA B 389 -4.72 4.07 16.08
CA ALA B 389 -5.61 4.87 15.27
C ALA B 389 -6.18 6.04 16.05
N LYS B 390 -6.60 7.08 15.35
CA LYS B 390 -7.16 8.25 16.01
C LYS B 390 -8.34 7.91 16.91
N GLY B 391 -9.29 7.13 16.41
CA GLY B 391 -10.45 6.75 17.19
C GLY B 391 -10.14 5.69 18.23
N ASP B 392 -9.06 4.95 18.03
CA ASP B 392 -8.68 3.91 18.99
C ASP B 392 -8.00 4.48 20.23
N HIS B 393 -7.75 5.79 20.25
CA HIS B 393 -7.11 6.42 21.39
C HIS B 393 -8.08 6.57 22.56
N ASP B 394 -8.18 5.54 23.37
CA ASP B 394 -9.09 5.57 24.50
C ASP B 394 -8.30 5.89 25.74
N GLU B 395 -8.96 5.99 26.88
CA GLU B 395 -8.27 6.27 28.13
C GLU B 395 -7.34 5.14 28.50
N LYS B 396 -7.79 3.91 28.28
CA LYS B 396 -6.96 2.75 28.56
C LYS B 396 -5.88 2.61 27.51
N ARG B 397 -6.12 3.15 26.32
CA ARG B 397 -5.15 3.03 25.24
C ARG B 397 -4.28 4.26 25.08
N LEU B 398 -3.93 4.90 26.18
CA LEU B 398 -3.04 6.04 26.11
C LEU B 398 -1.64 5.54 26.35
N THR B 399 -1.54 4.34 26.91
CA THR B 399 -0.24 3.75 27.20
C THR B 399 0.14 2.78 26.10
N SER B 400 -0.82 2.40 25.27
CA SER B 400 -0.55 1.49 24.16
C SER B 400 0.33 2.14 23.10
N CYS B 401 1.10 1.33 22.37
CA CYS B 401 1.91 1.86 21.28
C CYS B 401 1.12 1.67 20.00
N GLY B 402 0.10 0.81 20.06
CA GLY B 402 -0.73 0.59 18.90
C GLY B 402 -0.91 -0.86 18.52
N ARG B 403 -1.77 -1.12 17.55
CA ARG B 403 -1.98 -2.48 17.09
C ARG B 403 -0.98 -2.79 16.00
N PRO B 404 -0.37 -3.98 16.05
CA PRO B 404 0.60 -4.40 15.03
C PRO B 404 0.09 -4.36 13.60
N THR B 405 0.97 -4.09 12.65
CA THR B 405 0.56 -4.00 11.25
C THR B 405 0.09 -5.35 10.69
N LEU B 406 -0.80 -5.29 9.71
CA LEU B 406 -1.28 -6.51 9.08
C LEU B 406 -0.33 -6.90 7.98
N PHE B 407 0.37 -5.92 7.43
CA PHE B 407 1.26 -6.17 6.30
C PHE B 407 2.59 -6.84 6.64
N ALA B 408 2.89 -6.99 7.92
CA ALA B 408 4.10 -7.69 8.32
C ALA B 408 3.76 -8.61 9.47
N ARG B 409 4.51 -9.68 9.62
CA ARG B 409 4.26 -10.62 10.72
C ARG B 409 4.87 -10.10 12.00
N VAL B 410 4.05 -9.46 12.84
CA VAL B 410 4.54 -8.98 14.11
C VAL B 410 3.98 -9.83 15.24
N ALA B 411 4.86 -10.53 15.95
CA ALA B 411 4.41 -11.41 17.03
C ALA B 411 5.26 -11.34 18.28
N LEU B 412 4.63 -11.34 19.44
CA LEU B 412 5.38 -11.34 20.69
C LEU B 412 5.88 -12.74 20.95
N LEU B 413 7.19 -12.93 20.92
CA LEU B 413 7.74 -14.27 21.08
C LEU B 413 8.35 -14.51 22.44
N ASP B 414 8.62 -15.77 22.78
CA ASP B 414 9.18 -16.10 24.07
C ASP B 414 10.68 -16.26 24.01
N GLU B 415 11.25 -16.92 25.01
CA GLU B 415 12.69 -17.16 25.02
C GLU B 415 13.02 -18.08 23.88
N HIS B 416 12.21 -19.12 23.70
CA HIS B 416 12.44 -20.08 22.63
C HIS B 416 11.90 -19.55 21.32
N GLY B 417 11.09 -18.50 21.37
CA GLY B 417 10.50 -17.96 20.16
C GLY B 417 9.09 -18.44 20.03
N LYS B 418 8.45 -18.73 21.15
CA LYS B 418 7.09 -19.24 21.13
C LYS B 418 6.11 -18.11 21.30
N PRO B 419 5.14 -17.98 20.37
CA PRO B 419 4.12 -16.95 20.50
C PRO B 419 3.48 -16.95 21.87
N VAL B 420 3.61 -15.84 22.60
CA VAL B 420 3.07 -15.78 23.95
C VAL B 420 1.56 -15.66 23.98
N LYS B 421 0.97 -15.72 25.17
CA LYS B 421 -0.48 -15.66 25.30
C LYS B 421 -0.98 -14.23 25.31
N GLN B 422 -2.29 -14.06 25.16
CA GLN B 422 -2.86 -12.72 25.25
C GLN B 422 -2.84 -12.34 26.71
N GLY B 423 -1.96 -11.42 27.08
CA GLY B 423 -1.84 -11.07 28.49
C GLY B 423 -0.47 -11.47 28.98
N GLU B 424 0.30 -12.14 28.15
CA GLU B 424 1.66 -12.52 28.53
C GLU B 424 2.64 -11.57 27.88
N VAL B 425 3.78 -11.36 28.52
CA VAL B 425 4.77 -10.42 27.99
C VAL B 425 5.76 -11.12 27.07
N GLY B 426 5.82 -10.69 25.82
CA GLY B 426 6.75 -11.27 24.87
C GLY B 426 7.57 -10.24 24.12
N GLU B 427 8.47 -10.70 23.27
CA GLU B 427 9.33 -9.80 22.53
C GLU B 427 8.76 -9.45 21.17
N ILE B 428 8.56 -8.17 20.92
CA ILE B 428 8.08 -7.74 19.62
C ILE B 428 9.03 -8.23 18.54
N CYS B 429 8.55 -9.12 17.68
CA CYS B 429 9.40 -9.68 16.65
C CYS B 429 8.78 -9.49 15.28
N VAL B 430 9.54 -8.93 14.34
CA VAL B 430 8.98 -8.65 13.03
C VAL B 430 9.54 -9.51 11.92
N SER B 431 8.67 -10.14 11.14
CA SER B 431 9.13 -10.92 10.00
C SER B 431 8.50 -10.35 8.74
N GLY B 432 9.28 -10.20 7.69
CA GLY B 432 8.76 -9.65 6.46
C GLY B 432 9.76 -8.75 5.78
N PRO B 433 9.45 -8.30 4.55
CA PRO B 433 10.37 -7.46 3.77
C PRO B 433 10.69 -6.12 4.43
N LEU B 434 9.92 -5.73 5.44
CA LEU B 434 10.18 -4.49 6.17
C LEU B 434 11.53 -4.51 6.87
N LEU B 435 11.90 -5.65 7.46
CA LEU B 435 13.15 -5.69 8.23
C LEU B 435 14.38 -5.35 7.40
N ALA B 436 15.31 -4.63 8.00
CA ALA B 436 16.49 -4.18 7.27
C ALA B 436 17.52 -5.26 6.95
N GLY B 437 18.54 -4.89 6.19
CA GLY B 437 19.56 -5.85 5.81
C GLY B 437 20.33 -6.42 6.96
N GLY B 438 20.81 -5.56 7.84
CA GLY B 438 21.59 -6.02 8.97
C GLY B 438 22.33 -4.85 9.59
N TYR B 439 23.59 -5.07 9.94
CA TYR B 439 24.38 -4.02 10.54
C TYR B 439 25.69 -3.86 9.80
N TRP B 440 26.04 -2.62 9.49
CA TRP B 440 27.26 -2.36 8.72
C TRP B 440 28.51 -2.92 9.38
N ASN B 441 29.15 -3.88 8.72
CA ASN B 441 30.37 -4.50 9.25
C ASN B 441 30.25 -4.98 10.69
N LEU B 442 29.12 -5.61 11.04
CA LEU B 442 28.93 -6.14 12.38
C LEU B 442 28.22 -7.47 12.29
N PRO B 443 28.89 -8.51 11.77
CA PRO B 443 28.22 -9.81 11.55
C PRO B 443 27.56 -10.39 12.79
N ASP B 444 28.24 -10.32 13.94
CA ASP B 444 27.67 -10.83 15.18
C ASP B 444 26.33 -10.18 15.47
N GLU B 445 26.28 -8.87 15.32
CA GLU B 445 25.04 -8.15 15.61
C GLU B 445 23.94 -8.43 14.60
N THR B 446 24.30 -8.69 13.35
CA THR B 446 23.27 -9.06 12.37
C THR B 446 22.65 -10.37 12.78
N SER B 447 23.45 -11.30 13.28
CA SER B 447 22.93 -12.60 13.65
C SER B 447 22.17 -12.56 14.96
N ARG B 448 22.43 -11.56 15.78
CA ARG B 448 21.79 -11.47 17.09
C ARG B 448 20.50 -10.67 17.04
N THR B 449 20.56 -9.45 16.51
CA THR B 449 19.37 -8.62 16.43
C THR B 449 18.43 -9.17 15.38
N PHE B 450 18.94 -9.38 14.17
CA PHE B 450 18.13 -9.93 13.10
C PHE B 450 18.42 -11.41 13.06
N LYS B 451 18.20 -12.02 11.90
CA LYS B 451 18.53 -13.45 11.72
C LYS B 451 18.08 -14.42 12.81
N ASP B 452 16.87 -14.27 13.32
CA ASP B 452 16.34 -15.24 14.27
C ASP B 452 15.13 -15.79 13.58
N GLY B 453 15.00 -15.47 12.29
CA GLY B 453 13.83 -15.88 11.53
C GLY B 453 12.87 -14.73 11.67
N TRP B 454 13.15 -13.84 12.61
CA TRP B 454 12.29 -12.69 12.84
C TRP B 454 13.19 -11.49 13.01
N LEU B 455 12.84 -10.62 13.96
CA LEU B 455 13.67 -9.46 14.26
C LEU B 455 13.47 -9.12 15.72
N HIS B 456 14.50 -9.36 16.53
CA HIS B 456 14.41 -9.02 17.93
C HIS B 456 14.57 -7.52 18.07
N THR B 457 13.48 -6.83 18.35
CA THR B 457 13.54 -5.38 18.51
C THR B 457 14.13 -5.02 19.85
N GLY B 458 14.06 -5.95 20.81
CA GLY B 458 14.58 -5.69 22.13
C GLY B 458 13.51 -5.07 23.01
N ASP B 459 12.30 -4.96 22.47
CA ASP B 459 11.22 -4.38 23.23
C ASP B 459 10.32 -5.49 23.71
N LEU B 460 9.83 -5.36 24.94
CA LEU B 460 8.93 -6.35 25.48
C LEU B 460 7.56 -5.71 25.62
N ALA B 461 6.54 -6.33 25.06
CA ALA B 461 5.19 -5.76 25.10
C ALA B 461 4.17 -6.76 25.55
N ARG B 462 2.93 -6.30 25.73
CA ARG B 462 1.87 -7.18 26.20
C ARG B 462 0.62 -6.99 25.37
N GLU B 463 0.01 -8.10 24.95
CA GLU B 463 -1.17 -8.01 24.10
C GLU B 463 -2.45 -7.72 24.86
N ASP B 464 -3.25 -6.79 24.33
CA ASP B 464 -4.53 -6.46 24.95
C ASP B 464 -5.58 -7.38 24.37
N SER B 465 -6.78 -7.34 24.93
CA SER B 465 -7.89 -8.14 24.42
C SER B 465 -8.13 -7.85 22.94
N ASP B 466 -8.06 -6.59 22.56
CA ASP B 466 -8.31 -6.22 21.17
C ASP B 466 -7.10 -6.46 20.27
N GLY B 467 -5.92 -6.58 20.86
CA GLY B 467 -4.73 -6.83 20.08
C GLY B 467 -3.70 -5.74 20.23
N PHE B 468 -4.02 -4.73 21.03
CA PHE B 468 -3.10 -3.61 21.22
C PHE B 468 -1.83 -4.04 21.91
N TYR B 469 -0.69 -3.60 21.39
CA TYR B 469 0.57 -3.94 22.04
C TYR B 469 0.85 -2.88 23.09
N TYR B 470 1.28 -3.31 24.27
CA TYR B 470 1.52 -2.38 25.36
C TYR B 470 2.96 -2.49 25.81
N ILE B 471 3.84 -1.65 25.27
CA ILE B 471 5.25 -1.73 25.62
C ILE B 471 5.47 -1.51 27.11
N VAL B 472 5.90 -2.55 27.81
CA VAL B 472 6.14 -2.48 29.24
C VAL B 472 7.61 -2.29 29.56
N ASP B 473 8.50 -3.04 28.90
CA ASP B 473 9.87 -2.96 29.35
C ASP B 473 10.78 -3.23 28.17
N ARG B 474 12.08 -3.04 28.39
CA ARG B 474 13.08 -3.20 27.34
C ARG B 474 14.28 -3.94 27.91
N VAL B 475 14.84 -4.84 27.10
CA VAL B 475 15.98 -5.65 27.50
C VAL B 475 17.19 -4.75 27.79
#